data_6YRS
#
_entry.id   6YRS
#
_cell.length_a   47.347
_cell.length_b   81.402
_cell.length_c   61.037
_cell.angle_alpha   90.000
_cell.angle_beta   94.580
_cell.angle_gamma   90.000
#
_symmetry.space_group_name_H-M   'P 1 21 1'
#
loop_
_entity.id
_entity.type
_entity.pdbx_description
1 polymer 'ancestral beta-lactamase'
2 non-polymer 'ACETATE ION'
3 non-polymer 'TRIETHYLENE GLYCOL'
4 non-polymer 1,2-ETHANEDIOL
5 non-polymer 'SULFATE ION'
6 non-polymer DI(HYDROXYETHYL)ETHER
7 water water
#
_entity_poly.entity_id   1
_entity_poly.type   'polypeptide(L)'
_entity_poly.pdbx_seq_one_letter_code
;MAAQLSEQLAELEKRSGGRVGVIVLDTATGRRIAYRGDERFPMMSTFKALLAAAVLARVDAGKERLGRRITYSKEDLVDY
SPVTEKHVGDGMTVAELCEAAITLSDNTAANLLLEALGGPAALTAFLRSIGDEVTRLDRWEPELNEAAPGDERDTTMPAA
MAATLRTLLLGDALSPASRQQLVDWLVANKTGGKLLRAGLPADWRIGDKSGAGEHGSRNIIAVIGPPGRAPIIVVIYLTE
SQVDADARDAVIAEVGRLVVEAFHHHHHH
;
_entity_poly.pdbx_strand_id   A,B
#
loop_
_chem_comp.id
_chem_comp.type
_chem_comp.name
_chem_comp.formula
ACT non-polymer 'ACETATE ION' 'C2 H3 O2 -1'
EDO non-polymer 1,2-ETHANEDIOL 'C2 H6 O2'
PEG non-polymer DI(HYDROXYETHYL)ETHER 'C4 H10 O3'
PGE non-polymer 'TRIETHYLENE GLYCOL' 'C6 H14 O4'
SO4 non-polymer 'SULFATE ION' 'O4 S -2'
#
# COMPACT_ATOMS: atom_id res chain seq x y z
N GLN A 4 -1.96 -19.78 40.96
CA GLN A 4 -0.92 -18.96 40.37
C GLN A 4 -1.48 -18.19 39.16
N LEU A 5 -0.60 -17.57 38.40
CA LEU A 5 -1.07 -16.66 37.35
C LEU A 5 -1.75 -17.42 36.22
N SER A 6 -1.16 -18.53 35.76
N SER A 6 -1.17 -18.55 35.80
CA SER A 6 -1.76 -19.23 34.62
CA SER A 6 -1.73 -19.33 34.70
C SER A 6 -3.14 -19.77 34.98
C SER A 6 -3.14 -19.80 35.04
N GLU A 7 -3.34 -20.13 36.24
N GLU A 7 -3.37 -20.17 36.29
CA GLU A 7 -4.64 -20.62 36.68
CA GLU A 7 -4.69 -20.63 36.69
C GLU A 7 -5.66 -19.50 36.74
C GLU A 7 -5.68 -19.48 36.75
N GLN A 8 -5.22 -18.31 37.19
CA GLN A 8 -6.08 -17.13 37.17
C GLN A 8 -6.48 -16.78 35.75
N LEU A 9 -5.54 -16.82 34.81
CA LEU A 9 -5.87 -16.47 33.43
C LEU A 9 -6.80 -17.50 32.80
N ALA A 10 -6.58 -18.78 33.08
CA ALA A 10 -7.46 -19.81 32.54
C ALA A 10 -8.87 -19.64 33.07
N GLU A 11 -9.00 -19.23 34.34
CA GLU A 11 -10.32 -18.98 34.90
C GLU A 11 -10.99 -17.78 34.24
N LEU A 12 -10.23 -16.69 34.03
CA LEU A 12 -10.81 -15.55 33.33
C LEU A 12 -11.19 -15.96 31.91
N GLU A 13 -10.32 -16.73 31.27
CA GLU A 13 -10.61 -17.21 29.93
C GLU A 13 -11.89 -18.02 29.90
N LYS A 14 -12.11 -18.89 30.90
CA LYS A 14 -13.33 -19.68 30.89
C LYS A 14 -14.54 -18.83 31.24
N ARG A 15 -14.38 -17.81 32.08
CA ARG A 15 -15.51 -16.95 32.41
C ARG A 15 -15.93 -16.14 31.18
N SER A 16 -14.96 -15.75 30.36
CA SER A 16 -15.18 -15.01 29.11
C SER A 16 -15.91 -15.82 28.05
N GLY A 17 -15.86 -17.15 28.12
CA GLY A 17 -16.29 -17.99 27.03
C GLY A 17 -15.39 -17.96 25.82
N GLY A 18 -14.28 -17.24 25.86
CA GLY A 18 -13.44 -17.03 24.71
C GLY A 18 -12.01 -17.48 24.90
N ARG A 19 -11.14 -16.95 24.05
N ARG A 19 -11.15 -17.01 24.02
CA ARG A 19 -9.71 -17.23 24.04
CA ARG A 19 -9.71 -17.23 24.04
C ARG A 19 -8.97 -15.97 24.44
C ARG A 19 -9.04 -15.96 24.50
N VAL A 20 -8.06 -16.10 25.40
CA VAL A 20 -7.25 -14.99 25.90
C VAL A 20 -5.79 -15.21 25.53
N GLY A 21 -5.13 -14.15 25.11
CA GLY A 21 -3.69 -14.19 24.83
C GLY A 21 -3.02 -12.98 25.43
N VAL A 22 -1.82 -13.18 25.98
CA VAL A 22 -1.12 -12.09 26.66
C VAL A 22 0.37 -12.26 26.50
N ILE A 23 1.06 -11.15 26.36
CA ILE A 23 2.51 -11.05 26.60
C ILE A 23 2.75 -9.81 27.41
N VAL A 24 3.55 -9.94 28.48
CA VAL A 24 4.23 -8.80 29.09
C VAL A 24 5.72 -9.02 28.82
N LEU A 25 6.38 -8.00 28.27
CA LEU A 25 7.77 -8.12 27.83
C LEU A 25 8.58 -6.95 28.36
N ASP A 26 9.69 -7.28 29.03
CA ASP A 26 10.64 -6.30 29.51
C ASP A 26 11.54 -5.94 28.35
N THR A 27 11.51 -4.68 27.90
CA THR A 27 12.27 -4.31 26.72
C THR A 27 13.77 -4.34 26.98
N ALA A 28 14.20 -4.31 28.24
CA ALA A 28 15.63 -4.34 28.49
C ALA A 28 16.18 -5.76 28.64
N THR A 29 15.38 -6.71 29.11
CA THR A 29 15.91 -8.03 29.40
C THR A 29 15.35 -9.12 28.51
N GLY A 30 14.24 -8.85 27.82
CA GLY A 30 13.48 -9.84 27.08
C GLY A 30 12.68 -10.82 27.92
N ARG A 31 12.65 -10.64 29.24
CA ARG A 31 11.86 -11.51 30.09
C ARG A 31 10.38 -11.29 29.82
N ARG A 32 9.59 -12.37 29.90
CA ARG A 32 8.18 -12.25 29.56
C ARG A 32 7.28 -13.06 30.50
N ILE A 33 6.05 -12.59 30.64
CA ILE A 33 4.92 -13.43 30.97
C ILE A 33 4.16 -13.70 29.68
N ALA A 34 3.83 -14.97 29.40
CA ALA A 34 3.16 -15.36 28.15
C ALA A 34 2.00 -16.29 28.43
N TYR A 35 0.88 -16.05 27.75
CA TYR A 35 -0.28 -16.94 27.83
C TYR A 35 -0.83 -17.03 26.43
N ARG A 36 -0.79 -18.22 25.81
CA ARG A 36 -1.19 -18.38 24.40
C ARG A 36 -0.39 -17.44 23.52
N GLY A 37 0.91 -17.29 23.84
CA GLY A 37 1.77 -16.34 23.14
C GLY A 37 2.04 -16.73 21.71
N ASP A 38 1.91 -18.00 21.37
N ASP A 38 1.87 -18.01 21.40
CA ASP A 38 2.18 -18.46 20.02
CA ASP A 38 2.18 -18.57 20.09
C ASP A 38 0.92 -18.91 19.30
C ASP A 38 0.92 -18.89 19.29
N GLU A 39 -0.24 -18.42 19.72
CA GLU A 39 -1.49 -18.63 19.01
C GLU A 39 -1.86 -17.37 18.25
N ARG A 40 -2.71 -17.51 17.23
N ARG A 40 -2.69 -17.51 17.23
CA ARG A 40 -3.15 -16.37 16.46
CA ARG A 40 -3.11 -16.35 16.44
C ARG A 40 -4.38 -15.72 17.09
C ARG A 40 -4.38 -15.72 17.02
N PHE A 41 -4.37 -14.40 17.04
CA PHE A 41 -5.49 -13.57 17.42
C PHE A 41 -5.64 -12.45 16.42
N PRO A 42 -6.88 -11.93 16.26
CA PRO A 42 -7.12 -10.80 15.36
C PRO A 42 -6.46 -9.55 15.89
N MET A 43 -5.85 -8.79 15.00
CA MET A 43 -5.27 -7.51 15.41
C MET A 43 -6.30 -6.41 15.67
N MET A 44 -7.36 -6.33 14.87
CA MET A 44 -8.28 -5.21 14.86
C MET A 44 -7.50 -3.88 14.87
N SER A 45 -7.95 -2.88 15.62
CA SER A 45 -7.37 -1.55 15.47
C SER A 45 -5.95 -1.45 16.03
N THR A 46 -5.48 -2.46 16.75
CA THR A 46 -4.09 -2.37 17.17
C THR A 46 -3.16 -2.36 15.96
N PHE A 47 -3.63 -2.82 14.79
CA PHE A 47 -2.76 -2.75 13.59
C PHE A 47 -2.40 -1.29 13.23
N LYS A 48 -3.19 -0.31 13.70
CA LYS A 48 -2.96 1.09 13.34
C LYS A 48 -1.62 1.56 13.87
N ALA A 49 -1.14 0.92 14.94
CA ALA A 49 0.18 1.28 15.46
C ALA A 49 1.26 0.87 14.47
N LEU A 50 1.10 -0.32 13.90
CA LEU A 50 2.05 -0.80 12.91
C LEU A 50 1.97 0.02 11.62
N LEU A 51 0.74 0.37 11.23
CA LEU A 51 0.54 1.21 10.05
C LEU A 51 1.28 2.53 10.18
N ALA A 52 1.13 3.21 11.32
CA ALA A 52 1.82 4.47 11.50
C ALA A 52 3.33 4.26 11.47
N ALA A 53 3.81 3.13 12.03
CA ALA A 53 5.24 2.83 11.97
C ALA A 53 5.71 2.68 10.54
N ALA A 54 4.94 2.00 9.71
CA ALA A 54 5.31 1.81 8.31
C ALA A 54 5.35 3.14 7.57
N VAL A 55 4.38 4.02 7.84
CA VAL A 55 4.38 5.36 7.27
C VAL A 55 5.63 6.13 7.67
N LEU A 56 5.96 6.11 8.97
CA LEU A 56 7.16 6.79 9.41
C LEU A 56 8.40 6.18 8.77
N ALA A 57 8.45 4.85 8.59
CA ALA A 57 9.61 4.28 7.92
C ALA A 57 9.73 4.78 6.47
N ARG A 58 8.59 4.98 5.80
CA ARG A 58 8.62 5.58 4.46
C ARG A 58 9.10 7.02 4.54
N VAL A 59 8.68 7.75 5.56
CA VAL A 59 9.18 9.12 5.74
C VAL A 59 10.69 9.10 5.94
N ASP A 60 11.17 8.23 6.83
CA ASP A 60 12.60 8.10 7.06
C ASP A 60 13.36 7.91 5.74
N ALA A 61 12.77 7.15 4.82
CA ALA A 61 13.43 6.75 3.57
C ALA A 61 13.23 7.78 2.46
N GLY A 62 12.51 8.86 2.70
CA GLY A 62 12.33 9.87 1.68
C GLY A 62 11.25 9.53 0.69
N LYS A 63 10.38 8.55 1.02
CA LYS A 63 9.32 8.11 0.14
CA LYS A 63 9.32 8.11 0.14
C LYS A 63 7.96 8.64 0.56
N GLU A 64 7.89 9.38 1.67
CA GLU A 64 6.62 9.91 2.17
C GLU A 64 6.96 11.17 2.95
N ARG A 65 5.97 12.04 3.11
CA ARG A 65 6.12 13.33 3.77
C ARG A 65 4.97 13.50 4.75
N LEU A 66 5.27 13.84 6.01
CA LEU A 66 4.19 13.94 6.99
C LEU A 66 3.28 15.11 6.70
N GLY A 67 3.80 16.13 6.02
CA GLY A 67 2.98 17.26 5.63
C GLY A 67 2.20 17.13 4.36
N ARG A 68 2.28 15.99 3.68
CA ARG A 68 1.60 15.87 2.38
C ARG A 68 0.10 15.87 2.64
N ARG A 69 -0.68 16.65 1.88
CA ARG A 69 -2.13 16.70 2.12
C ARG A 69 -2.85 15.70 1.22
N ILE A 70 -3.71 14.87 1.81
CA ILE A 70 -4.49 13.87 1.08
C ILE A 70 -5.94 14.34 1.05
N THR A 71 -6.54 14.28 -0.14
CA THR A 71 -7.92 14.66 -0.34
C THR A 71 -8.76 13.40 -0.60
N TYR A 72 -10.03 13.50 -0.29
CA TYR A 72 -10.92 12.35 -0.30
C TYR A 72 -12.34 12.90 -0.26
N SER A 73 -13.30 12.02 -0.45
CA SER A 73 -14.70 12.42 -0.57
C SER A 73 -15.54 11.74 0.49
N LYS A 74 -16.77 12.25 0.63
CA LYS A 74 -17.68 11.67 1.62
C LYS A 74 -17.94 10.19 1.32
N GLU A 75 -17.89 9.81 0.04
N GLU A 75 -17.88 9.81 0.04
CA GLU A 75 -18.13 8.43 -0.38
CA GLU A 75 -18.12 8.44 -0.40
C GLU A 75 -17.01 7.49 0.09
C GLU A 75 -16.97 7.51 -0.02
N ASP A 76 -15.91 8.01 0.58
CA ASP A 76 -14.80 7.19 1.02
C ASP A 76 -14.91 6.85 2.50
N LEU A 77 -15.80 7.53 3.22
CA LEU A 77 -15.86 7.39 4.67
C LEU A 77 -16.48 6.05 5.03
N VAL A 78 -15.86 5.33 5.97
CA VAL A 78 -16.43 4.11 6.52
C VAL A 78 -16.82 4.32 7.99
N ASP A 79 -17.50 3.30 8.56
CA ASP A 79 -17.86 3.29 9.97
C ASP A 79 -16.70 3.78 10.82
N TYR A 80 -17.02 4.61 11.81
CA TYR A 80 -16.09 5.00 12.86
C TYR A 80 -14.97 5.86 12.29
N SER A 81 -15.33 7.03 11.73
CA SER A 81 -14.39 7.98 11.11
C SER A 81 -14.59 9.37 11.70
N PRO A 82 -14.33 9.54 13.01
CA PRO A 82 -14.80 10.77 13.69
C PRO A 82 -14.07 12.02 13.26
N VAL A 83 -12.85 11.91 12.78
CA VAL A 83 -12.04 13.04 12.36
C VAL A 83 -12.15 13.24 10.87
N THR A 84 -11.97 12.16 10.10
CA THR A 84 -11.96 12.33 8.66
C THR A 84 -13.32 12.78 8.16
N GLU A 85 -14.41 12.43 8.86
CA GLU A 85 -15.71 12.86 8.36
C GLU A 85 -15.89 14.37 8.41
N LYS A 86 -14.97 15.07 9.08
CA LYS A 86 -15.04 16.51 9.29
C LYS A 86 -14.19 17.30 8.31
N HIS A 87 -13.41 16.62 7.48
CA HIS A 87 -12.38 17.27 6.66
C HIS A 87 -12.46 16.81 5.21
N VAL A 88 -13.65 16.42 4.77
CA VAL A 88 -13.84 16.13 3.35
C VAL A 88 -13.45 17.34 2.51
N GLY A 89 -13.84 18.53 2.97
CA GLY A 89 -13.61 19.71 2.12
C GLY A 89 -12.18 20.20 2.08
N ASP A 90 -11.42 20.02 3.16
CA ASP A 90 -10.08 20.57 3.23
C ASP A 90 -8.98 19.51 3.20
N GLY A 91 -9.30 18.23 3.26
CA GLY A 91 -8.29 17.19 3.28
C GLY A 91 -7.61 17.13 4.65
N MET A 92 -6.68 16.18 4.77
CA MET A 92 -5.87 16.00 5.98
C MET A 92 -4.43 15.62 5.60
N THR A 93 -3.45 16.10 6.37
CA THR A 93 -2.06 15.71 6.12
C THR A 93 -1.82 14.27 6.58
N VAL A 94 -0.73 13.68 6.08
CA VAL A 94 -0.37 12.36 6.51
C VAL A 94 -0.24 12.31 8.03
N ALA A 95 0.31 13.37 8.61
CA ALA A 95 0.51 13.37 10.05
C ALA A 95 -0.84 13.42 10.77
N GLU A 96 -1.75 14.25 10.27
CA GLU A 96 -3.09 14.33 10.84
C GLU A 96 -3.81 12.98 10.75
N LEU A 97 -3.62 12.27 9.63
CA LEU A 97 -4.24 10.96 9.49
C LEU A 97 -3.64 9.94 10.44
N CYS A 98 -2.31 9.91 10.57
CA CYS A 98 -1.68 9.05 11.57
C CYS A 98 -2.22 9.36 12.96
N GLU A 99 -2.33 10.63 13.27
CA GLU A 99 -2.79 11.02 14.60
C GLU A 99 -4.24 10.59 14.81
N ALA A 100 -5.10 10.79 13.79
CA ALA A 100 -6.50 10.40 13.92
C ALA A 100 -6.64 8.88 14.02
N ALA A 101 -5.82 8.15 13.27
CA ALA A 101 -5.90 6.69 13.27
C ALA A 101 -5.51 6.12 14.61
N ILE A 102 -4.44 6.65 15.21
CA ILE A 102 -4.00 6.09 16.48
C ILE A 102 -4.82 6.63 17.62
N THR A 103 -5.14 7.93 17.63
CA THR A 103 -5.66 8.49 18.88
C THR A 103 -7.16 8.41 18.96
N LEU A 104 -7.85 8.36 17.82
CA LEU A 104 -9.32 8.27 17.80
C LEU A 104 -9.80 7.08 16.98
N SER A 105 -8.87 6.22 16.60
CA SER A 105 -9.11 4.97 15.91
C SER A 105 -9.87 5.22 14.60
N ASP A 106 -9.57 6.34 13.94
CA ASP A 106 -10.30 6.72 12.75
C ASP A 106 -10.06 5.70 11.62
N ASN A 107 -11.14 5.05 11.18
CA ASN A 107 -10.99 3.98 10.18
C ASN A 107 -10.67 4.50 8.78
N THR A 108 -11.32 5.58 8.35
CA THR A 108 -11.02 6.10 7.02
C THR A 108 -9.59 6.62 6.98
N ALA A 109 -9.13 7.26 8.06
CA ALA A 109 -7.74 7.69 8.13
C ALA A 109 -6.79 6.52 7.95
N ALA A 110 -7.09 5.37 8.58
CA ALA A 110 -6.25 4.19 8.40
C ALA A 110 -6.28 3.71 6.96
N ASN A 111 -7.47 3.70 6.36
CA ASN A 111 -7.57 3.25 4.97
C ASN A 111 -6.79 4.18 4.03
N LEU A 112 -6.85 5.50 4.26
CA LEU A 112 -6.10 6.43 3.40
C LEU A 112 -4.58 6.23 3.54
N LEU A 113 -4.10 5.98 4.75
CA LEU A 113 -2.68 5.69 4.96
C LEU A 113 -2.29 4.34 4.37
N LEU A 114 -3.15 3.33 4.52
CA LEU A 114 -2.89 2.02 3.91
C LEU A 114 -2.79 2.17 2.41
N GLU A 115 -3.69 2.93 1.81
N GLU A 115 -3.70 2.94 1.82
CA GLU A 115 -3.62 3.10 0.37
CA GLU A 115 -3.65 3.13 0.38
C GLU A 115 -2.30 3.76 -0.03
C GLU A 115 -2.32 3.76 -0.04
N ALA A 116 -1.90 4.80 0.68
CA ALA A 116 -0.65 5.47 0.36
C ALA A 116 0.53 4.50 0.43
N LEU A 117 0.51 3.56 1.38
CA LEU A 117 1.60 2.59 1.50
C LEU A 117 1.61 1.60 0.34
N GLY A 118 0.44 1.32 -0.23
CA GLY A 118 0.28 0.32 -1.28
C GLY A 118 -0.66 -0.81 -0.90
N GLY A 119 -1.31 -0.71 0.23
CA GLY A 119 -2.31 -1.69 0.59
C GLY A 119 -1.87 -2.65 1.69
N PRO A 120 -2.80 -3.48 2.16
CA PRO A 120 -2.45 -4.46 3.22
C PRO A 120 -1.21 -5.28 2.91
N ALA A 121 -1.02 -5.66 1.64
CA ALA A 121 0.15 -6.43 1.28
C ALA A 121 1.43 -5.62 1.51
N ALA A 122 1.40 -4.31 1.25
CA ALA A 122 2.59 -3.49 1.46
C ALA A 122 2.90 -3.36 2.95
N LEU A 123 1.87 -3.25 3.80
CA LEU A 123 2.13 -3.22 5.24
C LEU A 123 2.73 -4.55 5.70
N THR A 124 2.20 -5.67 5.22
CA THR A 124 2.74 -6.97 5.61
C THR A 124 4.18 -7.08 5.16
N ALA A 125 4.49 -6.58 3.95
CA ALA A 125 5.86 -6.66 3.46
C ALA A 125 6.80 -5.82 4.34
N PHE A 126 6.32 -4.69 4.87
CA PHE A 126 7.13 -3.89 5.77
C PHE A 126 7.45 -4.69 7.04
N LEU A 127 6.43 -5.35 7.61
CA LEU A 127 6.64 -6.14 8.82
C LEU A 127 7.62 -7.29 8.59
N ARG A 128 7.51 -7.99 7.45
CA ARG A 128 8.52 -8.98 7.11
C ARG A 128 9.92 -8.35 7.10
N SER A 129 10.01 -7.11 6.58
CA SER A 129 11.31 -6.47 6.40
C SER A 129 12.00 -6.22 7.73
N ILE A 130 11.23 -6.08 8.82
CA ILE A 130 11.82 -5.83 10.14
C ILE A 130 11.86 -7.09 11.01
N GLY A 131 11.61 -8.25 10.45
CA GLY A 131 11.84 -9.50 11.14
C GLY A 131 10.58 -10.15 11.69
N ASP A 132 9.41 -9.60 11.41
CA ASP A 132 8.15 -10.19 11.87
C ASP A 132 7.67 -11.13 10.78
N GLU A 133 7.74 -12.45 11.04
N GLU A 133 7.76 -12.43 11.03
CA GLU A 133 7.40 -13.49 10.09
CA GLU A 133 7.38 -13.44 10.03
C GLU A 133 5.94 -13.93 10.18
C GLU A 133 6.02 -14.04 10.28
N VAL A 134 5.20 -13.42 11.14
CA VAL A 134 3.90 -13.96 11.54
C VAL A 134 2.76 -12.99 11.22
N THR A 135 2.91 -11.72 11.60
CA THR A 135 1.82 -10.77 11.50
C THR A 135 1.41 -10.56 10.05
N ARG A 136 0.11 -10.52 9.80
CA ARG A 136 -0.36 -10.32 8.43
C ARG A 136 -1.59 -9.42 8.42
N LEU A 137 -1.60 -8.49 7.48
CA LEU A 137 -2.79 -7.73 7.17
C LEU A 137 -3.22 -8.06 5.76
N ASP A 138 -4.49 -8.32 5.63
CA ASP A 138 -5.11 -8.82 4.42
C ASP A 138 -6.22 -7.92 3.94
N ARG A 139 -6.97 -7.30 4.85
CA ARG A 139 -8.16 -6.53 4.50
C ARG A 139 -8.01 -5.09 4.96
N TRP A 140 -9.00 -4.28 4.58
CA TRP A 140 -9.09 -2.89 4.95
C TRP A 140 -10.06 -2.69 6.11
N GLU A 141 -10.11 -1.45 6.60
CA GLU A 141 -11.14 -1.18 7.62
C GLU A 141 -12.51 -0.98 6.99
N PRO A 142 -13.57 -1.48 7.61
CA PRO A 142 -13.59 -2.21 8.89
C PRO A 142 -13.68 -3.72 8.72
N GLU A 143 -13.53 -4.21 7.48
CA GLU A 143 -13.71 -5.64 7.26
C GLU A 143 -12.71 -6.46 8.07
N LEU A 144 -11.51 -5.92 8.30
CA LEU A 144 -10.45 -6.62 9.04
C LEU A 144 -10.85 -6.91 10.48
N ASN A 145 -11.99 -6.41 10.95
CA ASN A 145 -12.46 -6.67 12.31
C ASN A 145 -13.38 -7.87 12.44
N GLU A 146 -13.56 -8.65 11.37
CA GLU A 146 -14.51 -9.75 11.41
C GLU A 146 -14.12 -10.79 12.45
N ALA A 147 -12.83 -11.05 12.63
CA ALA A 147 -12.35 -11.96 13.69
C ALA A 147 -13.03 -13.32 13.64
N ALA A 148 -13.22 -13.86 12.44
CA ALA A 148 -13.86 -15.16 12.36
C ALA A 148 -12.98 -16.23 13.00
N PRO A 149 -13.56 -17.17 13.75
CA PRO A 149 -12.76 -18.24 14.35
C PRO A 149 -12.02 -19.06 13.29
N GLY A 150 -10.74 -19.29 13.52
CA GLY A 150 -9.95 -20.07 12.59
C GLY A 150 -9.48 -19.33 11.36
N ASP A 151 -9.86 -18.07 11.21
CA ASP A 151 -9.44 -17.25 10.08
C ASP A 151 -8.11 -16.59 10.41
N GLU A 152 -7.06 -16.91 9.63
CA GLU A 152 -5.74 -16.32 9.89
C GLU A 152 -5.55 -14.94 9.27
N ARG A 153 -6.51 -14.47 8.48
CA ARG A 153 -6.40 -13.13 7.93
C ARG A 153 -6.37 -12.09 9.06
N ASP A 154 -5.51 -11.07 8.87
CA ASP A 154 -5.48 -9.91 9.77
C ASP A 154 -5.20 -10.34 11.22
N THR A 155 -4.31 -11.31 11.39
CA THR A 155 -3.95 -11.76 12.72
C THR A 155 -2.47 -11.55 13.06
N THR A 156 -2.17 -11.66 14.32
CA THR A 156 -0.79 -11.76 14.78
C THR A 156 -0.75 -12.85 15.83
N MET A 157 0.43 -13.10 16.36
CA MET A 157 0.60 -13.83 17.62
C MET A 157 1.02 -12.86 18.70
N PRO A 158 0.57 -13.01 19.94
CA PRO A 158 0.99 -12.01 20.94
C PRO A 158 2.50 -11.88 21.04
N ALA A 159 3.23 -13.00 20.95
CA ALA A 159 4.68 -12.96 21.06
C ALA A 159 5.30 -12.19 19.90
N ALA A 160 4.73 -12.32 18.70
CA ALA A 160 5.23 -11.58 17.55
C ALA A 160 4.93 -10.10 17.66
N MET A 161 3.69 -9.75 18.04
CA MET A 161 3.34 -8.36 18.18
C MET A 161 4.24 -7.69 19.18
N ALA A 162 4.49 -8.37 20.31
CA ALA A 162 5.29 -7.76 21.35
C ALA A 162 6.72 -7.55 20.88
N ALA A 163 7.29 -8.54 20.23
CA ALA A 163 8.64 -8.43 19.72
C ALA A 163 8.73 -7.36 18.64
N THR A 164 7.71 -7.26 17.78
CA THR A 164 7.68 -6.22 16.75
C THR A 164 7.58 -4.84 17.38
N LEU A 165 6.77 -4.68 18.40
CA LEU A 165 6.74 -3.41 19.09
C LEU A 165 8.09 -3.08 19.72
N ARG A 166 8.75 -4.07 20.29
CA ARG A 166 10.06 -3.81 20.90
C ARG A 166 11.01 -3.31 19.84
N THR A 167 11.01 -3.94 18.66
CA THR A 167 11.90 -3.50 17.59
C THR A 167 11.58 -2.08 17.15
N LEU A 168 10.28 -1.76 16.99
CA LEU A 168 9.86 -0.47 16.46
C LEU A 168 10.09 0.65 17.47
N LEU A 169 9.84 0.38 18.75
CA LEU A 169 9.83 1.45 19.72
C LEU A 169 11.17 1.62 20.41
N LEU A 170 11.96 0.54 20.50
CA LEU A 170 13.24 0.58 21.19
C LEU A 170 14.39 0.05 20.33
N GLY A 171 14.13 -0.49 19.14
CA GLY A 171 15.16 -0.88 18.21
C GLY A 171 15.47 0.24 17.25
N ASP A 172 16.02 -0.13 16.10
N ASP A 172 16.04 -0.11 16.10
CA ASP A 172 16.52 0.82 15.11
CA ASP A 172 16.48 0.89 15.14
C ASP A 172 15.82 0.66 13.76
C ASP A 172 15.78 0.76 13.78
N ALA A 173 14.60 0.12 13.73
CA ALA A 173 13.86 0.07 12.49
C ALA A 173 13.43 1.48 12.07
N LEU A 174 13.21 2.37 13.03
CA LEU A 174 12.85 3.74 12.77
C LEU A 174 13.93 4.70 13.25
N SER A 175 14.01 5.87 12.63
CA SER A 175 14.96 6.87 13.11
C SER A 175 14.55 7.30 14.52
N PRO A 176 15.48 7.88 15.28
CA PRO A 176 15.10 8.44 16.60
C PRO A 176 13.90 9.35 16.51
N ALA A 177 13.87 10.26 15.54
CA ALA A 177 12.73 11.17 15.40
C ALA A 177 11.42 10.42 15.12
N SER A 178 11.44 9.44 14.24
CA SER A 178 10.22 8.69 13.97
C SER A 178 9.81 7.87 15.19
N ARG A 179 10.77 7.27 15.88
CA ARG A 179 10.50 6.54 17.13
C ARG A 179 9.74 7.41 18.13
N GLN A 180 10.23 8.64 18.35
CA GLN A 180 9.59 9.57 19.26
C GLN A 180 8.20 9.94 18.78
N GLN A 181 8.04 10.18 17.47
CA GLN A 181 6.72 10.52 16.95
C GLN A 181 5.73 9.40 17.17
N LEU A 182 6.16 8.14 16.98
CA LEU A 182 5.25 7.03 17.17
C LEU A 182 4.84 6.92 18.62
N VAL A 183 5.80 7.05 19.53
CA VAL A 183 5.48 7.06 20.97
C VAL A 183 4.52 8.20 21.31
N ASP A 184 4.79 9.39 20.78
CA ASP A 184 3.95 10.55 21.06
C ASP A 184 2.51 10.30 20.65
N TRP A 185 2.28 9.71 19.47
CA TRP A 185 0.91 9.42 19.08
C TRP A 185 0.25 8.40 20.03
N LEU A 186 0.97 7.34 20.38
CA LEU A 186 0.42 6.34 21.29
C LEU A 186 0.12 6.94 22.67
N VAL A 187 0.98 7.85 23.15
CA VAL A 187 0.71 8.50 24.44
C VAL A 187 -0.54 9.37 24.36
N ALA A 188 -0.87 9.91 23.18
CA ALA A 188 -2.01 10.80 23.00
C ALA A 188 -3.31 10.02 22.69
N ASN A 189 -3.28 8.70 22.74
CA ASN A 189 -4.45 7.89 22.46
C ASN A 189 -5.58 8.27 23.42
N LYS A 190 -6.78 8.38 22.88
CA LYS A 190 -7.92 8.86 23.62
C LYS A 190 -8.99 7.80 23.85
N THR A 191 -8.84 6.61 23.28
CA THR A 191 -9.87 5.58 23.48
C THR A 191 -9.30 4.36 24.19
N GLY A 192 -10.20 3.57 24.79
CA GLY A 192 -9.74 2.35 25.43
C GLY A 192 -9.07 2.59 26.77
N GLY A 193 -9.27 3.74 27.39
CA GLY A 193 -8.58 4.05 28.63
C GLY A 193 -8.99 3.17 29.80
N LYS A 194 -10.16 2.54 29.73
CA LYS A 194 -10.58 1.64 30.79
C LYS A 194 -9.74 0.35 30.84
N LEU A 195 -9.02 0.04 29.76
CA LEU A 195 -8.46 -1.30 29.60
C LEU A 195 -7.14 -1.45 30.33
N LEU A 196 -6.27 -0.41 30.32
CA LEU A 196 -4.98 -0.49 31.01
C LEU A 196 -4.67 0.80 31.75
N ARG A 197 -4.93 1.95 31.13
CA ARG A 197 -4.56 3.23 31.76
C ARG A 197 -5.23 3.43 33.11
N ALA A 198 -6.51 3.10 33.20
CA ALA A 198 -7.21 3.36 34.45
C ALA A 198 -6.50 2.67 35.62
N GLY A 199 -5.86 1.55 35.36
CA GLY A 199 -5.27 0.75 36.42
C GLY A 199 -3.88 1.11 36.86
N LEU A 200 -3.25 2.16 36.23
CA LEU A 200 -1.86 2.44 36.53
C LEU A 200 -1.72 3.66 37.43
N PRO A 201 -0.70 3.73 38.29
CA PRO A 201 -0.42 4.99 39.00
C PRO A 201 -0.23 6.15 38.02
N ALA A 202 -0.56 7.36 38.48
CA ALA A 202 -0.52 8.47 37.56
C ALA A 202 0.87 8.85 37.09
N ASP A 203 1.92 8.45 37.81
CA ASP A 203 3.29 8.79 37.40
C ASP A 203 3.89 7.76 36.46
N TRP A 204 3.13 6.78 36.05
CA TRP A 204 3.56 5.81 35.05
C TRP A 204 3.22 6.34 33.64
N ARG A 205 4.20 6.31 32.75
N ARG A 205 4.20 6.28 32.75
CA ARG A 205 3.98 6.72 31.37
CA ARG A 205 3.99 6.69 31.37
C ARG A 205 3.42 5.56 30.57
C ARG A 205 3.40 5.54 30.58
N ILE A 206 2.48 5.85 29.66
CA ILE A 206 1.87 4.81 28.84
C ILE A 206 1.45 5.38 27.48
N GLY A 207 1.81 4.64 26.43
CA GLY A 207 1.23 4.82 25.10
C GLY A 207 0.52 3.53 24.72
N ASP A 208 -0.65 3.63 24.14
CA ASP A 208 -1.42 2.43 23.90
C ASP A 208 -2.36 2.59 22.71
N LYS A 209 -2.90 1.45 22.26
CA LYS A 209 -3.89 1.41 21.20
C LYS A 209 -4.77 0.19 21.40
N SER A 210 -6.08 0.39 21.44
CA SER A 210 -7.02 -0.69 21.66
C SER A 210 -7.73 -1.04 20.36
N GLY A 211 -8.41 -2.18 20.40
CA GLY A 211 -9.15 -2.67 19.25
C GLY A 211 -10.38 -3.42 19.71
N ALA A 212 -11.36 -3.49 18.82
CA ALA A 212 -12.55 -4.28 19.05
C ALA A 212 -13.04 -4.87 17.73
N GLY A 213 -13.73 -5.99 17.82
CA GLY A 213 -14.19 -6.69 16.63
C GLY A 213 -15.40 -7.57 16.85
N GLU A 214 -15.81 -8.24 15.78
N GLU A 214 -15.78 -8.26 15.78
CA GLU A 214 -16.91 -9.17 15.86
CA GLU A 214 -16.89 -9.20 15.86
C GLU A 214 -16.47 -10.42 16.63
C GLU A 214 -16.47 -10.42 16.66
N HIS A 215 -17.40 -11.37 16.79
CA HIS A 215 -17.14 -12.58 17.55
C HIS A 215 -16.57 -12.27 18.91
N GLY A 216 -17.14 -11.24 19.55
CA GLY A 216 -16.74 -10.98 20.92
C GLY A 216 -15.24 -10.76 21.13
N SER A 217 -14.67 -9.81 20.39
CA SER A 217 -13.23 -9.60 20.39
C SER A 217 -12.85 -8.20 20.88
N ARG A 218 -11.77 -8.14 21.66
CA ARG A 218 -11.31 -6.91 22.28
C ARG A 218 -9.82 -7.06 22.55
N ASN A 219 -9.04 -6.02 22.30
CA ASN A 219 -7.63 -6.15 22.62
C ASN A 219 -6.99 -4.80 22.92
N ILE A 220 -5.74 -4.87 23.35
CA ILE A 220 -4.97 -3.66 23.58
C ILE A 220 -3.48 -3.98 23.47
N ILE A 221 -2.75 -3.03 22.92
CA ILE A 221 -1.29 -3.02 22.99
C ILE A 221 -0.82 -1.74 23.67
N ALA A 222 0.31 -1.85 24.40
CA ALA A 222 0.80 -0.70 25.13
C ALA A 222 2.32 -0.77 25.35
N VAL A 223 2.91 0.41 25.47
CA VAL A 223 4.27 0.56 25.99
C VAL A 223 4.17 1.37 27.27
N ILE A 224 4.73 0.83 28.37
CA ILE A 224 4.52 1.40 29.69
C ILE A 224 5.88 1.71 30.29
N GLY A 225 6.04 2.93 30.80
CA GLY A 225 7.27 3.32 31.45
C GLY A 225 7.09 3.52 32.94
N PRO A 226 7.42 2.50 33.75
CA PRO A 226 7.40 2.71 35.21
C PRO A 226 8.54 3.55 35.65
N PRO A 227 8.39 4.31 36.74
CA PRO A 227 9.50 5.16 37.21
C PRO A 227 10.76 4.33 37.50
N GLY A 228 11.89 4.84 37.06
CA GLY A 228 13.17 4.22 37.36
C GLY A 228 13.35 2.83 36.81
N ARG A 229 12.62 2.48 35.75
N ARG A 229 12.60 2.46 35.79
CA ARG A 229 12.54 1.13 35.22
CA ARG A 229 12.66 1.12 35.24
C ARG A 229 12.59 1.17 33.70
C ARG A 229 12.68 1.20 33.72
N ALA A 230 13.08 0.09 33.10
CA ALA A 230 13.00 -0.05 31.66
C ALA A 230 11.56 -0.22 31.20
N PRO A 231 11.22 0.28 30.02
CA PRO A 231 9.83 0.17 29.58
C PRO A 231 9.42 -1.29 29.39
N ILE A 232 8.12 -1.51 29.51
N ILE A 232 8.13 -1.54 29.56
CA ILE A 232 7.46 -2.79 29.34
CA ILE A 232 7.56 -2.86 29.30
C ILE A 232 6.50 -2.69 28.17
C ILE A 232 6.48 -2.73 28.22
N ILE A 233 6.38 -3.78 27.41
CA ILE A 233 5.37 -3.88 26.36
C ILE A 233 4.31 -4.87 26.87
N VAL A 234 3.04 -4.47 26.79
CA VAL A 234 1.92 -5.30 27.18
C VAL A 234 1.04 -5.48 25.97
N VAL A 235 0.71 -6.72 25.63
CA VAL A 235 -0.30 -6.97 24.58
C VAL A 235 -1.32 -7.95 25.14
N ILE A 236 -2.59 -7.62 25.01
CA ILE A 236 -3.67 -8.45 25.57
C ILE A 236 -4.75 -8.62 24.54
N TYR A 237 -5.19 -9.88 24.34
CA TYR A 237 -6.21 -10.24 23.37
C TYR A 237 -7.30 -11.08 24.00
N LEU A 238 -8.51 -10.84 23.54
CA LEU A 238 -9.69 -11.65 23.80
C LEU A 238 -10.45 -11.80 22.50
N THR A 239 -10.79 -13.04 22.14
CA THR A 239 -11.65 -13.30 20.99
C THR A 239 -12.52 -14.51 21.24
N GLU A 240 -13.58 -14.61 20.44
N GLU A 240 -13.58 -14.62 20.43
CA GLU A 240 -14.60 -15.64 20.56
CA GLU A 240 -14.59 -15.65 20.56
C GLU A 240 -15.29 -15.60 21.92
C GLU A 240 -15.32 -15.59 21.89
N SER A 241 -15.32 -14.43 22.55
CA SER A 241 -15.94 -14.29 23.87
C SER A 241 -17.45 -14.32 23.74
N GLN A 242 -18.11 -14.73 24.82
CA GLN A 242 -19.57 -14.87 24.89
C GLN A 242 -20.25 -13.87 25.81
N VAL A 243 -19.49 -12.95 26.41
CA VAL A 243 -20.05 -11.96 27.31
C VAL A 243 -20.18 -10.65 26.54
N ASP A 244 -20.90 -9.70 27.12
CA ASP A 244 -21.23 -8.48 26.38
C ASP A 244 -20.05 -7.51 26.39
N ALA A 245 -20.22 -6.37 25.73
CA ALA A 245 -19.08 -5.47 25.49
C ALA A 245 -18.44 -5.02 26.81
N ASP A 246 -19.27 -4.71 27.80
CA ASP A 246 -18.75 -4.23 29.06
C ASP A 246 -17.98 -5.33 29.78
N ALA A 247 -18.50 -6.57 29.75
CA ALA A 247 -17.76 -7.65 30.40
C ALA A 247 -16.45 -7.92 29.69
N ARG A 248 -16.42 -7.73 28.37
CA ARG A 248 -15.19 -7.96 27.63
C ARG A 248 -14.11 -6.95 28.03
N ASP A 249 -14.50 -5.66 28.15
CA ASP A 249 -13.60 -4.65 28.65
C ASP A 249 -13.08 -5.05 30.03
N ALA A 250 -13.99 -5.50 30.90
CA ALA A 250 -13.59 -5.88 32.25
C ALA A 250 -12.64 -7.07 32.24
N VAL A 251 -12.80 -7.99 31.29
CA VAL A 251 -11.87 -9.12 31.20
C VAL A 251 -10.48 -8.62 30.80
N ILE A 252 -10.40 -7.79 29.77
CA ILE A 252 -9.10 -7.26 29.38
C ILE A 252 -8.45 -6.53 30.55
N ALA A 253 -9.23 -5.71 31.25
CA ALA A 253 -8.66 -4.91 32.33
C ALA A 253 -8.13 -5.78 33.46
N GLU A 254 -8.86 -6.83 33.82
CA GLU A 254 -8.40 -7.71 34.88
C GLU A 254 -7.20 -8.55 34.43
N VAL A 255 -7.17 -9.01 33.18
CA VAL A 255 -5.94 -9.63 32.67
C VAL A 255 -4.76 -8.67 32.81
N GLY A 256 -4.98 -7.40 32.46
CA GLY A 256 -3.88 -6.44 32.51
C GLY A 256 -3.45 -6.16 33.93
N ARG A 257 -4.40 -6.13 34.86
CA ARG A 257 -4.04 -5.95 36.25
C ARG A 257 -3.21 -7.10 36.74
N LEU A 258 -3.67 -8.33 36.47
CA LEU A 258 -2.98 -9.50 36.99
C LEU A 258 -1.58 -9.62 36.40
N VAL A 259 -1.47 -9.46 35.08
CA VAL A 259 -0.20 -9.81 34.47
C VAL A 259 0.87 -8.77 34.77
N VAL A 260 0.50 -7.49 34.83
CA VAL A 260 1.49 -6.48 35.17
C VAL A 260 1.94 -6.65 36.61
N GLU A 261 1.00 -6.81 37.54
CA GLU A 261 1.40 -7.10 38.91
C GLU A 261 2.34 -8.30 39.00
N ALA A 262 1.97 -9.41 38.37
CA ALA A 262 2.82 -10.61 38.39
C ALA A 262 4.20 -10.31 37.82
N PHE A 263 4.25 -9.52 36.76
CA PHE A 263 5.53 -9.25 36.12
C PHE A 263 6.45 -8.46 37.03
N HIS A 264 5.90 -7.48 37.75
CA HIS A 264 6.75 -6.61 38.56
C HIS A 264 6.99 -7.16 39.97
N HIS A 265 6.13 -8.05 40.43
CA HIS A 265 6.30 -8.72 41.71
C HIS A 265 7.12 -9.98 41.48
N HIS A 266 8.02 -9.93 40.48
CA HIS A 266 8.99 -10.97 40.18
C HIS A 266 10.14 -10.81 41.18
N HIS A 267 9.97 -11.40 42.35
CA HIS A 267 10.88 -11.21 43.46
C HIS A 267 11.57 -12.52 43.81
N GLN B 4 -13.69 -21.49 -25.17
CA GLN B 4 -13.68 -20.05 -25.33
C GLN B 4 -12.25 -19.52 -25.25
N LEU B 5 -12.07 -18.27 -25.69
CA LEU B 5 -10.78 -17.62 -25.50
C LEU B 5 -10.44 -17.51 -24.03
N SER B 6 -11.45 -17.33 -23.17
CA SER B 6 -11.22 -17.37 -21.74
C SER B 6 -10.37 -18.57 -21.36
N GLU B 7 -10.81 -19.76 -21.76
N GLU B 7 -10.82 -19.77 -21.75
CA GLU B 7 -10.08 -20.98 -21.44
CA GLU B 7 -10.08 -20.98 -21.44
C GLU B 7 -8.67 -20.95 -22.01
C GLU B 7 -8.65 -20.92 -22.00
N GLN B 8 -8.51 -20.40 -23.21
CA GLN B 8 -7.18 -20.28 -23.82
C GLN B 8 -6.25 -19.43 -22.96
N LEU B 9 -6.73 -18.26 -22.53
CA LEU B 9 -5.90 -17.37 -21.75
C LEU B 9 -5.61 -17.96 -20.37
N ALA B 10 -6.58 -18.64 -19.78
CA ALA B 10 -6.38 -19.22 -18.46
C ALA B 10 -5.24 -20.24 -18.48
N GLU B 11 -5.24 -21.12 -19.48
CA GLU B 11 -4.16 -22.11 -19.57
C GLU B 11 -2.83 -21.44 -19.93
N LEU B 12 -2.87 -20.42 -20.78
CA LEU B 12 -1.67 -19.64 -21.04
C LEU B 12 -1.17 -19.00 -19.74
N GLU B 13 -2.08 -18.43 -18.97
CA GLU B 13 -1.76 -17.90 -17.65
C GLU B 13 -1.11 -18.98 -16.80
N LYS B 14 -1.72 -20.15 -16.78
CA LYS B 14 -1.15 -21.26 -16.02
C LYS B 14 0.27 -21.55 -16.46
N ARG B 15 0.50 -21.70 -17.77
N ARG B 15 0.49 -21.68 -17.78
CA ARG B 15 1.85 -22.07 -18.20
CA ARG B 15 1.81 -22.02 -18.30
C ARG B 15 2.87 -20.96 -17.95
C ARG B 15 2.85 -20.96 -17.94
N SER B 16 2.42 -19.71 -17.70
CA SER B 16 3.37 -18.66 -17.38
C SER B 16 3.75 -18.65 -15.90
N GLY B 17 2.94 -19.26 -15.04
CA GLY B 17 3.13 -19.18 -13.62
C GLY B 17 2.65 -17.90 -12.98
N GLY B 18 2.11 -16.96 -13.76
CA GLY B 18 1.80 -15.64 -13.27
C GLY B 18 0.37 -15.26 -13.55
N ARG B 19 0.16 -13.94 -13.75
CA ARG B 19 -1.16 -13.36 -13.90
C ARG B 19 -1.17 -12.51 -15.16
N VAL B 20 -2.17 -12.68 -15.99
CA VAL B 20 -2.28 -11.97 -17.26
C VAL B 20 -3.52 -11.08 -17.26
N GLY B 21 -3.34 -9.86 -17.77
CA GLY B 21 -4.46 -8.94 -17.94
C GLY B 21 -4.41 -8.40 -19.34
N VAL B 22 -5.58 -8.28 -19.98
CA VAL B 22 -5.58 -7.79 -21.35
CA VAL B 22 -5.62 -7.86 -21.38
C VAL B 22 -6.91 -7.08 -21.63
N ILE B 23 -6.78 -5.98 -22.38
CA ILE B 23 -7.90 -5.31 -23.04
C ILE B 23 -7.53 -5.09 -24.51
N VAL B 24 -8.46 -5.42 -25.39
CA VAL B 24 -8.46 -4.88 -26.74
C VAL B 24 -9.71 -4.01 -26.85
N LEU B 25 -9.52 -2.74 -27.18
CA LEU B 25 -10.61 -1.76 -27.20
C LEU B 25 -10.67 -1.09 -28.55
N ASP B 26 -11.79 -1.25 -29.24
CA ASP B 26 -12.04 -0.53 -30.49
C ASP B 26 -12.54 0.88 -30.15
N THR B 27 -11.70 1.86 -30.45
CA THR B 27 -11.95 3.25 -30.10
C THR B 27 -13.12 3.86 -30.84
N ALA B 28 -13.54 3.27 -31.96
CA ALA B 28 -14.67 3.78 -32.72
C ALA B 28 -16.00 3.31 -32.18
N THR B 29 -15.97 2.20 -31.43
CA THR B 29 -17.12 1.40 -31.03
C THR B 29 -17.30 1.26 -29.53
N GLY B 30 -16.22 1.33 -28.78
CA GLY B 30 -16.15 0.91 -27.40
C GLY B 30 -16.23 -0.59 -27.21
N ARG B 31 -16.39 -1.36 -28.27
N ARG B 31 -16.37 -1.36 -28.28
CA ARG B 31 -16.39 -2.82 -28.15
CA ARG B 31 -16.38 -2.82 -28.16
C ARG B 31 -15.04 -3.29 -27.64
C ARG B 31 -15.04 -3.29 -27.65
N ARG B 32 -15.07 -4.28 -26.76
CA ARG B 32 -13.87 -4.70 -26.03
C ARG B 32 -13.81 -6.22 -25.86
N ILE B 33 -12.58 -6.71 -25.82
CA ILE B 33 -12.23 -8.00 -25.23
C ILE B 33 -11.51 -7.69 -23.92
N ALA B 34 -11.87 -8.39 -22.86
CA ALA B 34 -11.22 -8.16 -21.58
C ALA B 34 -10.92 -9.46 -20.87
N TYR B 35 -9.79 -9.51 -20.15
CA TYR B 35 -9.44 -10.65 -19.31
C TYR B 35 -8.70 -10.05 -18.12
N ARG B 36 -9.26 -10.25 -16.92
CA ARG B 36 -8.78 -9.58 -15.71
C ARG B 36 -8.66 -8.08 -15.95
N GLY B 37 -9.65 -7.51 -16.64
CA GLY B 37 -9.58 -6.10 -16.92
C GLY B 37 -9.76 -5.23 -15.68
N ASP B 38 -10.29 -5.80 -14.61
N ASP B 38 -10.33 -5.77 -14.62
CA ASP B 38 -10.64 -5.11 -13.39
CA ASP B 38 -10.58 -5.00 -13.41
C ASP B 38 -9.68 -5.44 -12.25
C ASP B 38 -9.66 -5.41 -12.25
N GLU B 39 -8.51 -6.01 -12.54
CA GLU B 39 -7.51 -6.33 -11.54
C GLU B 39 -6.30 -5.42 -11.74
N ARG B 40 -5.59 -5.16 -10.65
N ARG B 40 -5.57 -5.18 -10.65
CA ARG B 40 -4.45 -4.26 -10.72
CA ARG B 40 -4.44 -4.27 -10.72
C ARG B 40 -3.20 -5.00 -11.18
C ARG B 40 -3.17 -4.99 -11.15
N PHE B 41 -2.38 -4.31 -11.96
CA PHE B 41 -1.13 -4.82 -12.47
C PHE B 41 -0.12 -3.69 -12.39
N PRO B 42 1.17 -4.01 -12.15
CA PRO B 42 2.21 -2.97 -12.23
C PRO B 42 2.29 -2.40 -13.63
N MET B 43 2.34 -1.07 -13.71
CA MET B 43 2.37 -0.41 -15.00
C MET B 43 3.75 -0.54 -15.66
N MET B 44 4.80 -0.50 -14.86
N MET B 44 4.82 -0.53 -14.86
CA MET B 44 6.19 -0.39 -15.36
CA MET B 44 6.17 -0.49 -15.41
C MET B 44 6.22 0.64 -16.47
C MET B 44 6.25 0.62 -16.44
N SER B 45 6.86 0.37 -17.62
CA SER B 45 7.06 1.44 -18.58
C SER B 45 5.78 1.91 -19.26
N THR B 46 4.66 1.20 -19.13
CA THR B 46 3.44 1.66 -19.81
C THR B 46 2.96 3.01 -19.27
N PHE B 47 3.45 3.47 -18.14
CA PHE B 47 3.08 4.80 -17.65
C PHE B 47 3.68 5.92 -18.49
N LYS B 48 4.72 5.61 -19.26
CA LYS B 48 5.43 6.67 -19.98
C LYS B 48 4.54 7.40 -20.98
N ALA B 49 3.67 6.68 -21.68
CA ALA B 49 2.73 7.34 -22.59
C ALA B 49 1.80 8.29 -21.85
N LEU B 50 1.36 7.92 -20.65
CA LEU B 50 0.54 8.82 -19.83
C LEU B 50 1.32 10.05 -19.35
N LEU B 51 2.58 9.85 -18.96
CA LEU B 51 3.45 10.97 -18.61
C LEU B 51 3.58 11.96 -19.76
N ALA B 52 3.77 11.47 -20.98
CA ALA B 52 3.87 12.36 -22.13
C ALA B 52 2.58 13.14 -22.29
N ALA B 53 1.43 12.47 -22.09
CA ALA B 53 0.15 13.16 -22.18
C ALA B 53 0.02 14.25 -21.12
N ALA B 54 0.44 13.96 -19.87
CA ALA B 54 0.40 14.99 -18.83
C ALA B 54 1.26 16.19 -19.19
N VAL B 55 2.43 15.93 -19.78
CA VAL B 55 3.28 17.03 -20.26
C VAL B 55 2.54 17.85 -21.32
N LEU B 56 1.95 17.18 -22.30
CA LEU B 56 1.23 17.88 -23.35
C LEU B 56 0.11 18.74 -22.81
N ALA B 57 -0.57 18.30 -21.74
CA ALA B 57 -1.63 19.11 -21.14
C ALA B 57 -1.06 20.34 -20.43
N ARG B 58 0.15 20.25 -19.88
N ARG B 58 0.16 20.25 -19.91
CA ARG B 58 0.80 21.46 -19.37
CA ARG B 58 0.83 21.44 -19.38
C ARG B 58 1.10 22.42 -20.51
C ARG B 58 1.15 22.42 -20.50
N VAL B 59 1.57 21.90 -21.65
CA VAL B 59 1.81 22.77 -22.80
C VAL B 59 0.53 23.45 -23.24
N ASP B 60 -0.58 22.70 -23.26
CA ASP B 60 -1.85 23.27 -23.69
C ASP B 60 -2.27 24.43 -22.79
N ALA B 61 -2.06 24.30 -21.48
CA ALA B 61 -2.42 25.34 -20.54
C ALA B 61 -1.41 26.47 -20.49
N GLY B 62 -0.36 26.42 -21.31
CA GLY B 62 0.63 27.48 -21.33
C GLY B 62 1.61 27.43 -20.19
N LYS B 63 1.80 26.25 -19.55
CA LYS B 63 2.72 26.11 -18.45
C LYS B 63 4.00 25.37 -18.82
N GLU B 64 4.15 24.96 -20.07
CA GLU B 64 5.29 24.16 -20.51
C GLU B 64 5.45 24.40 -22.01
N ARG B 65 6.66 24.16 -22.48
N ARG B 65 6.65 24.13 -22.50
CA ARG B 65 7.02 24.35 -23.88
CA ARG B 65 6.97 24.35 -23.91
C ARG B 65 7.70 23.09 -24.38
C ARG B 65 7.74 23.14 -24.42
N LEU B 66 7.26 22.56 -25.53
CA LEU B 66 7.92 21.37 -26.08
C LEU B 66 9.36 21.64 -26.49
N GLY B 67 9.69 22.88 -26.81
CA GLY B 67 11.02 23.24 -27.21
C GLY B 67 11.96 23.57 -26.08
N ARG B 68 11.47 23.59 -24.84
CA ARG B 68 12.32 23.94 -23.72
C ARG B 68 13.42 22.90 -23.58
N ARG B 69 14.66 23.37 -23.46
CA ARG B 69 15.79 22.45 -23.40
C ARG B 69 16.11 22.18 -21.94
N ILE B 70 16.18 20.90 -21.56
CA ILE B 70 16.56 20.49 -20.22
C ILE B 70 17.97 19.94 -20.26
N THR B 71 18.85 20.48 -19.41
CA THR B 71 20.23 20.01 -19.29
C THR B 71 20.31 19.13 -18.05
N TYR B 72 21.26 18.19 -18.08
CA TYR B 72 21.42 17.19 -17.03
C TYR B 72 22.86 16.67 -17.10
N SER B 73 23.23 15.84 -16.14
CA SER B 73 24.61 15.40 -16.00
C SER B 73 24.65 13.87 -16.10
N LYS B 74 25.84 13.33 -16.39
N LYS B 74 25.83 13.33 -16.43
CA LYS B 74 25.95 11.87 -16.44
CA LYS B 74 25.97 11.88 -16.44
C LYS B 74 25.53 11.22 -15.13
C LYS B 74 25.60 11.28 -15.08
N GLU B 75 25.67 11.94 -14.01
N GLU B 75 25.68 12.06 -14.01
CA GLU B 75 25.33 11.39 -12.71
CA GLU B 75 25.36 11.59 -12.67
C GLU B 75 23.84 11.43 -12.45
C GLU B 75 23.87 11.38 -12.49
N ASP B 76 23.05 11.89 -13.41
CA ASP B 76 21.59 11.74 -13.34
C ASP B 76 21.08 10.50 -14.07
N LEU B 77 21.94 9.83 -14.85
CA LEU B 77 21.50 8.73 -15.70
C LEU B 77 21.24 7.49 -14.86
N VAL B 78 20.05 6.91 -15.02
CA VAL B 78 19.75 5.62 -14.42
C VAL B 78 19.78 4.52 -15.48
N ASP B 79 19.56 3.27 -15.06
CA ASP B 79 19.57 2.12 -15.96
C ASP B 79 18.60 2.38 -17.12
N TYR B 80 18.95 1.88 -18.30
CA TYR B 80 18.09 1.86 -19.49
C TYR B 80 17.71 3.28 -19.94
N SER B 81 18.72 4.02 -20.36
CA SER B 81 18.59 5.40 -20.81
C SER B 81 19.28 5.52 -22.18
N PRO B 82 18.77 4.79 -23.18
CA PRO B 82 19.52 4.68 -24.46
C PRO B 82 19.61 5.98 -25.21
N VAL B 83 18.74 6.96 -24.98
CA VAL B 83 18.81 8.23 -25.70
C VAL B 83 19.48 9.30 -24.85
N THR B 84 19.00 9.49 -23.62
CA THR B 84 19.55 10.54 -22.76
C THR B 84 21.04 10.36 -22.51
N GLU B 85 21.54 9.11 -22.51
CA GLU B 85 22.97 8.93 -22.33
C GLU B 85 23.78 9.57 -23.46
N LYS B 86 23.15 9.79 -24.61
CA LYS B 86 23.88 10.36 -25.74
C LYS B 86 23.92 11.90 -25.70
N HIS B 87 23.15 12.54 -24.82
CA HIS B 87 22.94 13.98 -24.93
C HIS B 87 23.25 14.72 -23.63
N VAL B 88 24.13 14.16 -22.79
CA VAL B 88 24.53 14.88 -21.59
C VAL B 88 25.15 16.22 -21.96
N GLY B 89 25.97 16.26 -23.02
CA GLY B 89 26.62 17.51 -23.40
C GLY B 89 25.72 18.51 -24.09
N ASP B 90 24.56 18.06 -24.59
CA ASP B 90 23.69 18.82 -25.46
C ASP B 90 22.35 19.21 -24.83
N GLY B 91 21.97 18.55 -23.73
CA GLY B 91 20.61 18.62 -23.24
C GLY B 91 19.64 18.04 -24.25
N MET B 92 18.37 18.05 -23.88
CA MET B 92 17.32 17.57 -24.75
C MET B 92 16.08 18.41 -24.52
N THR B 93 15.29 18.58 -25.58
CA THR B 93 14.00 19.26 -25.46
C THR B 93 12.95 18.39 -24.75
N VAL B 94 11.95 19.07 -24.19
CA VAL B 94 10.83 18.34 -23.62
C VAL B 94 10.28 17.35 -24.64
N ALA B 95 10.19 17.76 -25.91
CA ALA B 95 9.66 16.86 -26.95
C ALA B 95 10.57 15.65 -27.18
N GLU B 96 11.89 15.88 -27.26
CA GLU B 96 12.83 14.78 -27.42
C GLU B 96 12.76 13.81 -26.26
N LEU B 97 12.52 14.31 -25.04
CA LEU B 97 12.39 13.43 -23.90
C LEU B 97 11.10 12.62 -23.95
N CYS B 98 9.97 13.26 -24.28
CA CYS B 98 8.73 12.52 -24.47
C CYS B 98 8.91 11.40 -25.47
N GLU B 99 9.55 11.71 -26.61
CA GLU B 99 9.76 10.72 -27.67
C GLU B 99 10.65 9.59 -27.17
N ALA B 100 11.77 9.92 -26.51
CA ALA B 100 12.65 8.92 -25.94
C ALA B 100 11.90 8.07 -24.92
N ALA B 101 11.11 8.72 -24.06
CA ALA B 101 10.41 7.96 -23.03
C ALA B 101 9.43 6.97 -23.65
N ILE B 102 8.71 7.39 -24.68
CA ILE B 102 7.72 6.51 -25.28
C ILE B 102 8.37 5.49 -26.21
N THR B 103 9.18 5.95 -27.17
CA THR B 103 9.62 5.07 -28.25
C THR B 103 10.70 4.11 -27.80
N LEU B 104 11.55 4.52 -26.86
CA LEU B 104 12.67 3.68 -26.41
C LEU B 104 12.64 3.44 -24.90
N SER B 105 11.58 3.82 -24.23
CA SER B 105 11.39 3.55 -22.80
C SER B 105 12.45 4.18 -21.91
N ASP B 106 13.05 5.28 -22.36
CA ASP B 106 14.19 5.87 -21.68
C ASP B 106 13.84 6.30 -20.27
N ASN B 107 14.54 5.73 -19.28
CA ASN B 107 14.17 5.95 -17.87
C ASN B 107 14.56 7.32 -17.37
N THR B 108 15.75 7.79 -17.76
CA THR B 108 16.15 9.12 -17.33
C THR B 108 15.22 10.15 -17.96
N ALA B 109 14.83 9.93 -19.22
CA ALA B 109 13.87 10.85 -19.84
C ALA B 109 12.59 10.91 -19.02
N ALA B 110 12.10 9.75 -18.62
CA ALA B 110 10.89 9.73 -17.82
C ALA B 110 11.10 10.50 -16.51
N ASN B 111 12.23 10.28 -15.84
CA ASN B 111 12.49 10.98 -14.58
C ASN B 111 12.56 12.49 -14.81
N LEU B 112 13.17 12.92 -15.92
CA LEU B 112 13.26 14.35 -16.16
C LEU B 112 11.88 14.95 -16.40
N LEU B 113 11.03 14.22 -17.12
CA LEU B 113 9.68 14.71 -17.36
C LEU B 113 8.85 14.71 -16.08
N LEU B 114 9.00 13.67 -15.25
CA LEU B 114 8.30 13.66 -13.97
C LEU B 114 8.70 14.88 -13.14
N GLU B 115 9.99 15.18 -13.12
CA GLU B 115 10.45 16.36 -12.41
C GLU B 115 9.79 17.62 -12.97
N ALA B 116 9.61 17.68 -14.30
CA ALA B 116 9.03 18.87 -14.90
C ALA B 116 7.56 19.02 -14.54
N LEU B 117 6.89 17.92 -14.24
CA LEU B 117 5.48 17.91 -13.85
C LEU B 117 5.25 18.14 -12.36
N GLY B 118 6.26 17.90 -11.54
CA GLY B 118 6.09 17.89 -10.10
C GLY B 118 5.97 16.51 -9.49
N GLY B 119 6.33 15.46 -10.24
CA GLY B 119 6.54 14.14 -9.68
C GLY B 119 5.37 13.18 -9.89
N PRO B 120 5.53 11.95 -9.41
CA PRO B 120 4.46 10.95 -9.54
C PRO B 120 3.09 11.40 -9.08
N ALA B 121 3.02 12.14 -7.97
CA ALA B 121 1.71 12.60 -7.48
C ALA B 121 1.07 13.56 -8.47
N ALA B 122 1.89 14.29 -9.26
CA ALA B 122 1.35 15.21 -10.25
C ALA B 122 0.79 14.45 -11.45
N LEU B 123 1.45 13.36 -11.84
CA LEU B 123 0.91 12.53 -12.90
C LEU B 123 -0.41 11.91 -12.44
N THR B 124 -0.42 11.38 -11.22
CA THR B 124 -1.67 10.85 -10.69
C THR B 124 -2.77 11.90 -10.69
N ALA B 125 -2.48 13.11 -10.23
CA ALA B 125 -3.47 14.18 -10.20
C ALA B 125 -4.00 14.46 -11.61
N PHE B 126 -3.11 14.48 -12.59
CA PHE B 126 -3.56 14.66 -13.97
C PHE B 126 -4.54 13.57 -14.38
N LEU B 127 -4.21 12.32 -14.07
CA LEU B 127 -5.09 11.22 -14.45
C LEU B 127 -6.46 11.32 -13.77
N ARG B 128 -6.49 11.68 -12.49
CA ARG B 128 -7.79 11.86 -11.83
C ARG B 128 -8.61 12.94 -12.55
N SER B 129 -7.96 14.02 -13.00
CA SER B 129 -8.68 15.11 -13.62
C SER B 129 -9.35 14.69 -14.93
N ILE B 130 -8.80 13.70 -15.63
CA ILE B 130 -9.40 13.22 -16.88
C ILE B 130 -10.29 11.99 -16.65
N GLY B 131 -10.54 11.63 -15.40
CA GLY B 131 -11.54 10.63 -15.07
C GLY B 131 -11.02 9.24 -14.82
N ASP B 132 -9.70 9.07 -14.70
CA ASP B 132 -9.10 7.81 -14.29
C ASP B 132 -8.99 7.83 -12.77
N GLU B 133 -9.78 6.99 -12.10
CA GLU B 133 -9.85 6.95 -10.64
C GLU B 133 -9.02 5.82 -10.05
N VAL B 134 -8.29 5.10 -10.89
CA VAL B 134 -7.64 3.85 -10.55
C VAL B 134 -6.12 3.96 -10.70
N THR B 135 -5.66 4.41 -11.85
CA THR B 135 -4.23 4.44 -12.13
C THR B 135 -3.49 5.33 -11.15
N ARG B 136 -2.33 4.85 -10.66
CA ARG B 136 -1.53 5.63 -9.73
C ARG B 136 -0.07 5.42 -9.98
N LEU B 137 0.68 6.52 -9.96
CA LEU B 137 2.12 6.46 -9.97
C LEU B 137 2.60 7.00 -8.64
N ASP B 138 3.49 6.26 -8.01
CA ASP B 138 3.96 6.58 -6.67
C ASP B 138 5.45 6.84 -6.61
N ARG B 139 6.23 6.14 -7.43
CA ARG B 139 7.68 6.16 -7.37
C ARG B 139 8.23 6.60 -8.71
N TRP B 140 9.54 6.78 -8.71
CA TRP B 140 10.27 7.20 -9.88
C TRP B 140 10.93 5.99 -10.54
N GLU B 141 11.59 6.25 -11.70
CA GLU B 141 12.35 5.17 -12.31
C GLU B 141 13.71 5.03 -11.62
N PRO B 142 14.18 3.78 -11.38
CA PRO B 142 13.55 2.51 -11.74
C PRO B 142 12.79 1.83 -10.57
N GLU B 143 12.67 2.50 -9.43
CA GLU B 143 12.09 1.87 -8.26
C GLU B 143 10.65 1.45 -8.54
N LEU B 144 9.97 2.18 -9.41
CA LEU B 144 8.57 1.85 -9.68
C LEU B 144 8.34 0.48 -10.32
N ASN B 145 9.41 -0.20 -10.72
CA ASN B 145 9.29 -1.52 -11.34
C ASN B 145 9.33 -2.66 -10.32
N GLU B 146 9.27 -2.35 -9.02
CA GLU B 146 9.46 -3.38 -8.01
C GLU B 146 8.46 -4.53 -8.14
N ALA B 147 7.19 -4.21 -8.39
CA ALA B 147 6.14 -5.19 -8.67
C ALA B 147 5.96 -6.19 -7.54
N ALA B 148 5.99 -5.71 -6.30
CA ALA B 148 5.74 -6.61 -5.19
C ALA B 148 4.32 -7.12 -5.29
N PRO B 149 4.08 -8.42 -5.12
CA PRO B 149 2.71 -8.92 -5.26
C PRO B 149 1.79 -8.25 -4.25
N GLY B 150 0.61 -7.84 -4.74
CA GLY B 150 -0.41 -7.20 -3.96
C GLY B 150 -0.18 -5.74 -3.67
N ASP B 151 1.04 -5.24 -3.92
CA ASP B 151 1.36 -3.82 -3.73
C ASP B 151 0.66 -3.00 -4.80
N GLU B 152 -0.16 -2.05 -4.38
CA GLU B 152 -0.95 -1.22 -5.31
C GLU B 152 -0.18 0.00 -5.82
N ARG B 153 1.00 0.28 -5.28
CA ARG B 153 1.77 1.39 -5.84
C ARG B 153 2.13 1.14 -7.31
N ASP B 154 2.09 2.23 -8.12
CA ASP B 154 2.54 2.18 -9.52
C ASP B 154 1.77 1.14 -10.32
N THR B 155 0.45 1.03 -10.08
CA THR B 155 -0.40 0.07 -10.77
C THR B 155 -1.50 0.78 -11.57
N THR B 156 -2.06 0.02 -12.50
CA THR B 156 -3.28 0.37 -13.23
C THR B 156 -4.13 -0.89 -13.30
N MET B 157 -5.35 -0.74 -13.81
CA MET B 157 -6.15 -1.86 -14.29
C MET B 157 -6.17 -1.83 -15.80
N PRO B 158 -6.10 -2.97 -16.48
CA PRO B 158 -6.08 -2.94 -17.95
C PRO B 158 -7.24 -2.12 -18.54
N ALA B 159 -8.45 -2.25 -17.98
CA ALA B 159 -9.59 -1.49 -18.49
C ALA B 159 -9.42 0.01 -18.29
N ALA B 160 -8.79 0.41 -17.18
CA ALA B 160 -8.57 1.83 -16.89
C ALA B 160 -7.55 2.44 -17.83
N MET B 161 -6.43 1.74 -18.01
CA MET B 161 -5.42 2.18 -18.94
C MET B 161 -6.01 2.33 -20.33
N ALA B 162 -6.76 1.33 -20.79
CA ALA B 162 -7.33 1.40 -22.13
C ALA B 162 -8.32 2.57 -22.25
N ALA B 163 -9.20 2.76 -21.27
CA ALA B 163 -10.14 3.87 -21.36
C ALA B 163 -9.41 5.22 -21.25
N THR B 164 -8.33 5.28 -20.49
CA THR B 164 -7.56 6.53 -20.37
C THR B 164 -6.83 6.83 -21.66
N LEU B 165 -6.24 5.81 -22.27
CA LEU B 165 -5.63 6.03 -23.58
C LEU B 165 -6.67 6.49 -24.59
N ARG B 166 -7.86 5.90 -24.56
CA ARG B 166 -8.90 6.34 -25.49
C ARG B 166 -9.25 7.80 -25.28
N THR B 167 -9.41 8.21 -24.01
CA THR B 167 -9.75 9.58 -23.69
C THR B 167 -8.66 10.54 -24.17
N LEU B 168 -7.40 10.18 -23.96
CA LEU B 168 -6.32 11.07 -24.34
C LEU B 168 -6.18 11.18 -25.85
N LEU B 169 -6.43 10.09 -26.57
CA LEU B 169 -6.18 10.07 -28.00
C LEU B 169 -7.36 10.59 -28.81
N LEU B 170 -8.58 10.53 -28.26
CA LEU B 170 -9.75 10.97 -29.01
C LEU B 170 -10.72 11.86 -28.25
N GLY B 171 -10.60 11.97 -26.94
CA GLY B 171 -11.42 12.89 -26.18
C GLY B 171 -10.87 14.30 -26.22
N ASP B 172 -11.42 15.13 -25.33
CA ASP B 172 -11.09 16.55 -25.27
C ASP B 172 -10.08 16.85 -24.18
N ALA B 173 -9.39 15.82 -23.66
CA ALA B 173 -8.42 16.05 -22.61
C ALA B 173 -7.26 16.87 -23.13
N LEU B 174 -6.83 16.62 -24.35
CA LEU B 174 -5.75 17.36 -24.97
C LEU B 174 -6.29 18.16 -26.15
N SER B 175 -5.47 19.09 -26.63
CA SER B 175 -5.78 19.85 -27.83
C SER B 175 -5.58 18.96 -29.06
N PRO B 176 -6.19 19.31 -30.19
CA PRO B 176 -6.01 18.47 -31.38
C PRO B 176 -4.56 18.31 -31.79
N ALA B 177 -3.78 19.38 -31.69
CA ALA B 177 -2.36 19.28 -32.02
C ALA B 177 -1.64 18.38 -31.02
N SER B 178 -2.00 18.47 -29.73
CA SER B 178 -1.39 17.61 -28.71
C SER B 178 -1.80 16.15 -28.87
N ARG B 179 -3.08 15.90 -29.17
CA ARG B 179 -3.49 14.54 -29.47
C ARG B 179 -2.71 13.99 -30.65
N GLN B 180 -2.57 14.79 -31.71
CA GLN B 180 -1.81 14.34 -32.87
C GLN B 180 -0.38 14.00 -32.51
N GLN B 181 0.26 14.84 -31.70
CA GLN B 181 1.64 14.56 -31.31
C GLN B 181 1.73 13.23 -30.56
N LEU B 182 0.80 12.97 -29.65
CA LEU B 182 0.84 11.73 -28.88
C LEU B 182 0.77 10.51 -29.80
N VAL B 183 -0.09 10.58 -30.82
CA VAL B 183 -0.18 9.52 -31.82
C VAL B 183 1.16 9.31 -32.52
N ASP B 184 1.77 10.40 -32.99
CA ASP B 184 3.02 10.28 -33.71
C ASP B 184 4.11 9.64 -32.88
N TRP B 185 4.09 9.85 -31.56
CA TRP B 185 5.14 9.28 -30.72
C TRP B 185 4.98 7.78 -30.57
N LEU B 186 3.73 7.29 -30.57
CA LEU B 186 3.50 5.87 -30.34
C LEU B 186 3.84 5.01 -31.56
N VAL B 187 3.58 5.50 -32.78
CA VAL B 187 3.82 4.65 -33.94
C VAL B 187 5.29 4.53 -34.29
N ALA B 188 6.14 5.36 -33.66
CA ALA B 188 7.58 5.30 -33.87
C ALA B 188 8.28 4.45 -32.81
N ASN B 189 7.53 3.63 -32.09
CA ASN B 189 8.11 2.84 -31.01
C ASN B 189 9.09 1.82 -31.54
N LYS B 190 10.17 1.61 -30.79
CA LYS B 190 11.32 0.83 -31.27
C LYS B 190 11.62 -0.39 -30.40
N LYS B 209 3.65 0.68 -26.80
N LYS B 209 3.80 0.69 -26.88
CA LYS B 209 4.59 0.98 -25.73
CA LYS B 209 4.63 0.99 -25.72
C LYS B 209 4.70 -0.24 -24.81
C LYS B 209 4.71 -0.23 -24.81
N SER B 210 5.93 -0.67 -24.52
CA SER B 210 6.17 -1.86 -23.72
C SER B 210 6.55 -1.48 -22.29
N GLY B 211 6.73 -2.51 -21.46
CA GLY B 211 7.12 -2.36 -20.07
C GLY B 211 7.58 -3.68 -19.47
N ALA B 212 8.66 -3.67 -18.69
CA ALA B 212 9.21 -4.93 -18.21
C ALA B 212 9.91 -4.69 -16.88
N GLY B 213 10.08 -5.78 -16.13
CA GLY B 213 10.84 -5.69 -14.90
C GLY B 213 10.52 -6.85 -13.96
N GLU B 214 10.59 -6.53 -12.67
CA GLU B 214 10.82 -7.49 -11.59
C GLU B 214 9.55 -8.29 -11.27
N HIS B 215 9.74 -9.30 -10.43
CA HIS B 215 8.77 -10.36 -10.16
C HIS B 215 8.08 -10.85 -11.45
N GLY B 216 8.89 -11.01 -12.51
CA GLY B 216 8.43 -11.68 -13.72
C GLY B 216 7.29 -10.95 -14.40
N SER B 217 7.50 -9.67 -14.73
CA SER B 217 6.44 -8.83 -15.27
C SER B 217 6.84 -8.33 -16.64
N ARG B 218 5.87 -8.26 -17.54
CA ARG B 218 6.11 -7.92 -18.95
C ARG B 218 4.81 -7.33 -19.50
N ASN B 219 4.89 -6.11 -20.06
CA ASN B 219 3.71 -5.33 -20.42
C ASN B 219 3.84 -4.77 -21.82
N ILE B 220 2.71 -4.51 -22.47
CA ILE B 220 2.71 -3.74 -23.72
C ILE B 220 1.42 -2.94 -23.85
N ILE B 221 1.51 -1.74 -24.42
CA ILE B 221 0.32 -1.05 -24.93
C ILE B 221 0.55 -0.74 -26.40
N ALA B 222 -0.50 -0.90 -27.19
CA ALA B 222 -0.38 -0.68 -28.62
C ALA B 222 -1.65 -0.02 -29.11
N VAL B 223 -1.47 0.84 -30.11
CA VAL B 223 -2.55 1.52 -30.81
C VAL B 223 -2.41 1.05 -32.24
N ILE B 224 -3.33 0.20 -32.70
CA ILE B 224 -3.26 -0.30 -34.09
C ILE B 224 -4.45 0.18 -34.91
N ALA B 230 -11.78 3.06 -36.80
CA ALA B 230 -10.51 3.74 -36.53
C ALA B 230 -9.75 2.92 -35.46
N PRO B 231 -8.79 3.51 -34.73
CA PRO B 231 -7.72 2.69 -34.13
C PRO B 231 -8.18 1.84 -32.95
N ILE B 232 -7.42 0.78 -32.71
CA ILE B 232 -7.69 -0.22 -31.69
C ILE B 232 -6.58 -0.11 -30.65
N ILE B 233 -6.96 -0.12 -29.38
CA ILE B 233 -6.00 -0.04 -28.30
C ILE B 233 -5.82 -1.44 -27.73
N VAL B 234 -4.57 -1.88 -27.65
CA VAL B 234 -4.24 -3.17 -27.06
C VAL B 234 -3.41 -2.90 -25.84
N VAL B 235 -3.81 -3.49 -24.71
CA VAL B 235 -3.06 -3.39 -23.46
CA VAL B 235 -3.06 -3.40 -23.47
C VAL B 235 -2.95 -4.81 -22.91
N ILE B 236 -1.72 -5.26 -22.66
CA ILE B 236 -1.46 -6.59 -22.15
C ILE B 236 -0.47 -6.48 -21.01
N TYR B 237 -0.80 -7.09 -19.89
CA TYR B 237 0.03 -7.10 -18.70
C TYR B 237 0.29 -8.55 -18.31
N LEU B 238 1.54 -8.83 -17.95
CA LEU B 238 1.90 -10.09 -17.30
C LEU B 238 2.68 -9.77 -16.03
N THR B 239 2.35 -10.43 -14.93
CA THR B 239 3.08 -10.18 -13.70
C THR B 239 3.13 -11.47 -12.90
N GLU B 240 4.02 -11.51 -11.92
CA GLU B 240 4.22 -12.67 -11.04
C GLU B 240 4.55 -13.96 -11.81
N SER B 241 5.06 -13.83 -13.02
CA SER B 241 5.40 -15.03 -13.77
C SER B 241 6.73 -15.64 -13.31
N GLN B 242 6.92 -16.90 -13.67
CA GLN B 242 8.12 -17.62 -13.28
C GLN B 242 8.95 -18.10 -14.46
N VAL B 243 8.54 -17.83 -15.67
CA VAL B 243 9.38 -18.13 -16.82
C VAL B 243 10.41 -17.02 -17.03
N ASP B 244 11.44 -17.34 -17.79
CA ASP B 244 12.51 -16.37 -18.03
C ASP B 244 12.01 -15.26 -18.95
N ALA B 245 12.87 -14.26 -19.17
CA ALA B 245 12.44 -13.07 -19.90
C ALA B 245 12.01 -13.41 -21.32
N ASP B 246 12.76 -14.29 -22.00
CA ASP B 246 12.38 -14.69 -23.35
C ASP B 246 10.95 -15.22 -23.38
N ALA B 247 10.66 -16.18 -22.51
CA ALA B 247 9.32 -16.75 -22.46
C ALA B 247 8.29 -15.70 -22.04
N ARG B 248 8.69 -14.76 -21.16
CA ARG B 248 7.79 -13.66 -20.81
C ARG B 248 7.42 -12.84 -22.06
N ASP B 249 8.34 -12.69 -22.99
CA ASP B 249 7.93 -12.04 -24.23
C ASP B 249 7.06 -12.97 -25.08
N ALA B 250 7.38 -14.27 -25.08
CA ALA B 250 6.59 -15.21 -25.86
C ALA B 250 5.15 -15.25 -25.39
N VAL B 251 4.94 -15.23 -24.07
CA VAL B 251 3.59 -15.28 -23.50
C VAL B 251 2.78 -14.10 -23.98
N ILE B 252 3.37 -12.91 -23.93
CA ILE B 252 2.67 -11.71 -24.34
C ILE B 252 2.31 -11.79 -25.82
N ALA B 253 3.23 -12.33 -26.63
CA ALA B 253 2.97 -12.43 -28.06
C ALA B 253 1.82 -13.39 -28.36
N GLU B 254 1.73 -14.50 -27.62
CA GLU B 254 0.64 -15.44 -27.82
C GLU B 254 -0.68 -14.90 -27.26
N VAL B 255 -0.62 -14.14 -26.17
CA VAL B 255 -1.81 -13.44 -25.71
C VAL B 255 -2.31 -12.52 -26.81
N GLY B 256 -1.41 -11.75 -27.42
CA GLY B 256 -1.85 -10.80 -28.42
C GLY B 256 -2.44 -11.53 -29.61
N ARG B 257 -1.76 -12.58 -30.06
CA ARG B 257 -2.27 -13.34 -31.19
C ARG B 257 -3.71 -13.78 -30.96
N LEU B 258 -3.97 -14.38 -29.81
CA LEU B 258 -5.30 -14.93 -29.55
C LEU B 258 -6.34 -13.81 -29.44
N VAL B 259 -6.04 -12.77 -28.66
CA VAL B 259 -7.10 -11.80 -28.35
C VAL B 259 -7.40 -10.92 -29.56
N VAL B 260 -6.36 -10.56 -30.33
CA VAL B 260 -6.62 -9.72 -31.49
C VAL B 260 -7.45 -10.50 -32.52
N GLU B 261 -7.13 -11.79 -32.71
CA GLU B 261 -7.91 -12.59 -33.65
C GLU B 261 -9.32 -12.83 -33.13
N ALA B 262 -9.48 -13.09 -31.84
CA ALA B 262 -10.82 -13.25 -31.28
C ALA B 262 -11.65 -11.98 -31.46
N PHE B 263 -11.02 -10.82 -31.33
CA PHE B 263 -11.71 -9.56 -31.50
C PHE B 263 -12.17 -9.36 -32.94
N HIS B 264 -11.31 -9.68 -33.91
CA HIS B 264 -11.64 -9.45 -35.30
C HIS B 264 -12.72 -10.41 -35.80
N HIS B 265 -12.87 -11.60 -35.19
CA HIS B 265 -13.78 -12.63 -35.70
C HIS B 265 -15.02 -12.79 -34.88
N HIS B 266 -15.19 -12.00 -33.82
CA HIS B 266 -16.42 -12.03 -33.07
C HIS B 266 -16.77 -13.46 -32.66
C ACT C . -12.20 0.65 15.78
O ACT C . -11.26 0.92 16.56
OXT ACT C . -12.58 -0.48 15.35
CH3 ACT C . -13.06 1.84 15.31
H1 ACT C . -13.03 1.90 14.34
H2 ACT C . -12.72 2.66 15.69
H3 ACT C . -13.98 1.70 15.59
C ACT D . 15.15 -9.41 9.37
O ACT D . 15.26 -10.19 10.35
OXT ACT D . 15.48 -8.18 9.28
CH3 ACT D . 14.49 -10.03 8.12
H1 ACT D . 15.03 -10.76 7.79
H2 ACT D . 14.41 -9.35 7.42
H3 ACT D . 13.60 -10.35 8.35
C1 PGE E . 12.31 6.67 21.79
O1 PGE E . 12.61 8.05 21.96
C2 PGE E . 11.28 6.24 22.83
O2 PGE E . 11.41 4.84 23.05
C3 PGE E . 10.31 4.25 23.73
C4 PGE E . 10.33 4.60 25.20
O4 PGE E . 6.30 5.82 27.26
C6 PGE E . 7.41 4.92 27.27
C5 PGE E . 8.16 5.11 25.97
O3 PGE E . 9.16 4.13 25.84
H1 PGE E . 13.20 6.03 21.92
H12 PGE E . 11.88 6.47 20.79
HO1 PGE E . 11.78 8.53 22.04
H2 PGE E . 10.27 6.49 22.46
H22 PGE E . 11.45 6.81 23.76
H3 PGE E . 10.34 3.16 23.63
H32 PGE E . 9.35 4.60 23.31
H4 PGE E . 10.42 5.70 25.31
H42 PGE E . 11.22 4.15 25.67
HO4 PGE E . 5.83 5.67 28.09
H6 PGE E . 7.08 3.87 27.33
H62 PGE E . 8.10 5.12 28.10
H5 PGE E . 8.60 6.13 25.96
H52 PGE E . 7.44 5.06 25.13
C1 EDO F . 10.25 12.11 11.16
O1 EDO F . 11.36 12.36 10.28
C2 EDO F . 10.22 13.16 12.25
O2 EDO F . 8.87 13.45 12.64
H11 EDO F . 10.36 11.11 11.62
H12 EDO F . 9.32 12.12 10.61
HO1 EDO F . 11.37 11.70 9.58
H21 EDO F . 10.70 14.08 11.88
H22 EDO F . 10.79 12.82 13.12
HO2 EDO F . 8.88 14.11 13.35
C1 EDO G . 15.67 -6.97 20.39
O1 EDO G . 16.36 -5.72 20.52
C2 EDO G . 16.66 -8.10 20.16
O2 EDO G . 16.82 -8.89 21.35
H11 EDO G . 14.96 -6.93 19.57
H12 EDO G . 15.10 -7.16 21.31
HO1 EDO G . 15.71 -5.00 20.63
H21 EDO G . 17.62 -7.69 19.87
H22 EDO G . 16.31 -8.73 19.34
HO2 EDO G . 17.43 -9.63 21.16
C1 PGE H . -15.34 -0.75 21.63
O1 PGE H . -16.18 -1.48 22.53
C2 PGE H . -16.16 -0.21 20.48
O2 PGE H . -15.39 -0.20 19.30
C3 PGE H . -16.11 0.03 18.11
C4 PGE H . -15.63 -0.91 17.02
O4 PGE H . -17.93 -4.40 16.83
C6 PGE H . -16.96 -4.11 15.82
C5 PGE H . -15.89 -3.17 16.36
O3 PGE H . -16.47 -2.05 16.99
H1 PGE H . -14.55 -1.38 21.21
H12 PGE H . -14.87 0.12 22.13
HO1 PGE H . -15.62 -1.82 23.23
H2 PGE H . -16.51 0.81 20.72
H22 PGE H . -17.06 -0.84 20.34
H3 PGE H . -15.99 1.07 17.76
H32 PGE H . -17.19 -0.14 18.27
H4 PGE H . -14.59 -1.20 17.24
H42 PGE H . -15.64 -0.39 16.05
HO4 PGE H . -18.04 -3.60 17.37
H6 PGE H . -17.43 -3.64 14.94
H62 PGE H . -16.46 -5.04 15.48
H5 PGE H . -15.25 -2.86 15.53
H52 PGE H . -15.27 -3.73 17.07
C1 PGE I . 12.22 -14.72 20.90
O1 PGE I . 12.58 -15.81 21.74
C2 PGE I . 10.80 -14.30 21.21
O2 PGE I . 10.26 -13.62 20.08
C3 PGE I . 8.99 -14.10 19.69
C4 PGE I . 8.89 -14.11 18.18
O4 PGE I . 6.43 -17.89 17.42
C6 PGE I . 6.39 -16.48 17.17
C5 PGE I . 7.22 -15.80 18.23
O3 PGE I . 7.60 -14.51 17.78
H1 PGE I . 12.27 -15.00 19.84
H12 PGE I . 12.87 -13.85 21.05
HO1 PGE I . 13.47 -16.09 21.51
H2 PGE I . 10.80 -13.64 22.10
H22 PGE I . 10.20 -15.19 21.46
H3 PGE I . 8.19 -13.47 20.10
H32 PGE I . 8.83 -15.13 20.06
H4 PGE I . 9.66 -14.78 17.77
H42 PGE I . 9.11 -13.09 17.81
HO4 PGE I . 5.91 -18.32 16.73
H6 PGE I . 5.37 -16.08 17.21
H62 PGE I . 6.81 -16.24 16.18
H5 PGE I . 8.12 -16.42 18.43
H52 PGE I . 6.63 -15.74 19.15
C1 PGE J . -9.71 8.26 -1.97
C1 PGE J . -9.58 5.35 1.50
O1 PGE J . -8.39 8.77 -1.71
O1 PGE J . -10.77 4.59 1.39
C2 PGE J . -9.75 6.80 -1.56
C2 PGE J . -8.63 4.87 0.42
O2 PGE J . -9.83 5.93 -2.67
O2 PGE J . -8.44 3.49 0.59
C3 PGE J . -10.42 4.67 -2.43
C3 PGE J . -9.24 2.67 -0.24
C4 PGE J . -9.50 3.81 -1.60
C4 PGE J . -9.93 1.62 0.60
O4 PGE J . -10.69 -0.02 0.18
O4 PGE J . -10.23 -1.58 -1.57
C6 PGE J . -10.61 1.24 0.83
C6 PGE J . -11.06 -1.75 -0.43
C5 PGE J . -9.63 2.13 0.08
C5 PGE J . -10.94 -0.52 0.45
O3 PGE J . -10.18 2.67 -1.12
O3 PGE J . -10.06 0.42 -0.16
H1 PGE J . -9.98 8.32 -3.03
H1 PGE J . -9.09 5.22 2.48
H12 PGE J . -10.47 8.79 -1.39
H12 PGE J . -9.76 6.42 1.36
HO1 PGE J . -8.39 9.70 -1.97
HO1 PGE J . -11.39 4.94 2.02
H2 PGE J . -10.64 6.64 -0.90
H2 PGE J . -7.67 5.42 0.50
H22 PGE J . -8.86 6.57 -0.95
H22 PGE J . -9.05 5.09 -0.57
H3 PGE J . -10.63 4.15 -3.38
H3 PGE J . -8.62 2.18 -1.02
H32 PGE J . -11.38 4.79 -1.89
H32 PGE J . -10.00 3.27 -0.76
H4 PGE J . -9.11 4.41 -0.76
H4 PGE J . -10.92 1.99 0.90
H42 PGE J . -8.63 3.50 -2.22
H42 PGE J . -9.34 1.44 1.52
HO4 PGE J . -11.26 -0.60 0.69
HO4 PGE J . -9.55 -0.93 -1.36
H6 PGE J . -10.26 1.14 1.87
H6 PGE J . -10.76 -2.63 0.17
H62 PGE J . -11.58 1.75 0.86
H62 PGE J . -12.12 -1.89 -0.70
H5 PGE J . -8.73 1.52 -0.16
H5 PGE J . -10.57 -0.81 1.45
H52 PGE J . -9.30 2.94 0.75
H52 PGE J . -11.95 -0.07 0.58
C1 EDO K . -8.53 8.40 -5.65
O1 EDO K . -9.35 7.48 -6.38
C2 EDO K . -7.60 7.63 -4.71
O2 EDO K . -7.35 6.32 -5.27
H11 EDO K . -9.16 9.08 -5.07
H12 EDO K . -7.94 9.00 -6.34
HO1 EDO K . -9.91 7.97 -6.99
H21 EDO K . -8.06 7.53 -3.73
H22 EDO K . -6.67 8.17 -4.59
HO2 EDO K . -6.84 5.81 -4.64
S SO4 L . -11.00 1.12 19.95
O1 SO4 L . -11.48 2.49 20.05
O2 SO4 L . -10.90 0.52 21.28
O3 SO4 L . -11.93 0.33 19.14
O4 SO4 L . -9.69 1.14 19.29
C1 PGE M . -6.14 -17.54 3.28
O1 PGE M . -5.69 -16.39 2.57
C2 PGE M . -5.50 -17.53 4.65
O2 PGE M . -4.59 -18.61 4.74
C3 PGE M . -4.24 -18.89 6.08
C4 PGE M . -3.02 -19.77 6.12
O4 PGE M . -0.16 -17.90 4.10
C6 PGE M . 0.28 -18.68 5.20
C5 PGE M . -0.75 -19.76 5.49
O3 PGE M . -2.06 -19.29 5.21
H1 PGE M . -5.84 -18.47 2.77
H12 PGE M . -7.23 -17.55 3.40
HO1 PGE M . -6.13 -16.39 1.71
H2 PGE M . -6.29 -17.61 5.41
H22 PGE M . -4.98 -16.57 4.81
H3 PGE M . -5.07 -19.40 6.60
H32 PGE M . -4.03 -17.95 6.62
H4 PGE M . -3.31 -20.80 5.88
H42 PGE M . -2.61 -19.77 7.15
HO4 PGE M . -1.12 -17.93 4.06
H6 PGE M . 0.40 -18.07 6.11
H62 PGE M . 1.25 -19.17 4.99
H5 PGE M . -0.66 -20.06 6.54
H52 PGE M . -0.51 -20.65 4.87
C1 EDO N . 16.58 4.11 9.65
O1 EDO N . 17.00 2.74 9.70
C2 EDO N . 17.30 4.91 10.73
O2 EDO N . 17.67 4.07 11.84
H11 EDO N . 15.50 4.16 9.82
H12 EDO N . 16.80 4.52 8.67
HO1 EDO N . 16.55 2.23 9.01
H21 EDO N . 16.66 5.72 11.08
H22 EDO N . 18.20 5.36 10.31
HO2 EDO N . 18.14 4.59 12.50
C1 PEG O . -0.45 -21.26 28.14
O1 PEG O . 0.09 -20.58 27.04
C2 PEG O . -1.89 -21.66 27.82
O2 PEG O . -2.10 -23.03 28.04
C3 PEG O . -1.33 -23.87 27.22
C4 PEG O . -2.13 -25.13 26.83
O4 PEG O . -3.27 -24.72 26.12
H11 PEG O . -0.44 -20.69 28.92
H12 PEG O . 0.07 -22.06 28.31
HO1 PEG O . 0.78 -20.13 27.30
H21 PEG O . -2.50 -21.16 28.39
H22 PEG O . -2.09 -21.45 26.90
H31 PEG O . -0.53 -24.15 27.72
H32 PEG O . -1.07 -23.40 26.42
H41 PEG O . -1.58 -25.70 26.27
H42 PEG O . -2.39 -25.61 27.63
HO4 PEG O . -3.68 -25.41 25.84
C1 EDO P . -12.44 2.12 -15.87
O1 EDO P . -12.55 0.73 -15.55
C2 EDO P . -12.93 2.43 -17.28
O2 EDO P . -13.98 1.55 -17.70
H11 EDO P . -11.40 2.43 -15.76
H12 EDO P . -13.04 2.70 -15.15
HO1 EDO P . -12.19 0.57 -14.67
H21 EDO P . -12.08 2.35 -17.97
H22 EDO P . -13.29 3.47 -17.32
HO2 EDO P . -14.25 1.78 -18.60
C1 PEG Q . -2.37 22.00 -14.69
O1 PEG Q . -2.03 21.95 -16.06
C2 PEG Q . -1.14 22.05 -13.80
O2 PEG Q . -1.53 22.15 -12.45
C3 PEG Q . -0.53 22.50 -11.52
C4 PEG Q . 0.15 23.84 -11.88
O4 PEG Q . 0.14 24.72 -10.79
H11 PEG Q . -2.90 21.22 -14.47
H12 PEG Q . -2.91 22.79 -14.53
HO1 PEG Q . -2.74 21.91 -16.52
H21 PEG Q . -0.59 22.82 -14.03
H22 PEG Q . -0.62 21.23 -13.92
H31 PEG Q . 0.14 21.80 -11.50
H32 PEG Q . -0.94 22.58 -10.64
H41 PEG Q . -0.32 24.24 -12.62
H42 PEG Q . 1.07 23.66 -12.13
HO4 PEG Q . 0.44 25.47 -11.03
C1 EDO R . 1.09 21.59 -28.66
O1 EDO R . 0.34 22.80 -28.49
C2 EDO R . 1.17 21.24 -30.14
O2 EDO R . 2.24 20.31 -30.37
H11 EDO R . 0.60 20.77 -28.11
H12 EDO R . 2.09 21.71 -28.26
HO1 EDO R . 0.27 23.01 -27.56
H21 EDO R . 1.33 22.15 -30.72
H22 EDO R . 0.22 20.79 -30.46
HO2 EDO R . 2.25 20.07 -31.30
C1 PEG S . 27.29 7.19 -29.66
O1 PEG S . 26.12 7.16 -30.43
C2 PEG S . 27.41 8.53 -28.94
O2 PEG S . 27.89 8.31 -27.64
C3 PEG S . 27.73 9.39 -26.76
C4 PEG S . 28.03 8.93 -25.33
O4 PEG S . 27.39 7.71 -25.07
H11 PEG S . 27.28 6.47 -29.01
H12 PEG S . 28.07 7.07 -30.25
HO1 PEG S . 26.07 6.41 -30.83
H21 PEG S . 26.54 8.95 -28.90
H22 PEG S . 28.03 9.10 -29.42
H31 PEG S . 26.81 9.72 -26.80
H32 PEG S . 28.33 10.11 -27.01
H41 PEG S . 27.73 9.61 -24.71
H42 PEG S . 29.00 8.81 -25.23
HO4 PEG S . 27.48 7.52 -24.25
C1 EDO T . -25.18 -7.02 -33.05
O1 EDO T . -24.41 -6.85 -31.86
C2 EDO T . -24.36 -6.64 -34.28
O2 EDO T . -23.64 -7.79 -34.77
H11 EDO T . -26.07 -6.39 -33.01
H12 EDO T . -25.51 -8.06 -33.14
HO1 EDO T . -24.96 -7.06 -31.09
H21 EDO T . -23.65 -5.86 -34.03
H22 EDO T . -25.01 -6.26 -35.07
HO2 EDO T . -23.15 -7.55 -35.57
C1 PEG U . 19.27 17.70 -10.55
O1 PEG U . 18.31 18.19 -9.67
C2 PEG U . 18.69 16.50 -11.30
O2 PEG U . 18.09 16.90 -12.51
C3 PEG U . 19.01 17.23 -13.53
C4 PEG U . 18.30 18.13 -14.55
O4 PEG U . 16.97 18.25 -14.14
H11 PEG U . 20.06 17.43 -10.06
H12 PEG U . 19.52 18.39 -11.18
HO1 PEG U . 18.65 18.82 -9.20
H21 PEG U . 19.41 15.87 -11.50
H22 PEG U . 18.03 16.06 -10.75
H31 PEG U . 19.31 16.42 -13.97
H32 PEG U . 19.76 17.70 -13.15
H41 PEG U . 18.73 18.99 -14.57
H42 PEG U . 18.34 17.72 -15.43
HO4 PEG U . 16.55 18.72 -14.72
C1 PEG V . -11.77 5.26 -13.42
O1 PEG V . -13.01 5.07 -14.02
C2 PEG V . -10.76 4.21 -13.87
O2 PEG V . -10.12 4.57 -15.05
C3 PEG V . -10.95 5.08 -16.05
C4 PEG V . -10.14 5.31 -17.33
O4 PEG V . -10.19 6.66 -17.69
H11 PEG V . -11.88 5.20 -12.46
H12 PEG V . -11.44 6.14 -13.66
HO1 PEG V . -13.57 5.60 -13.66
H21 PEG V . -10.08 4.11 -13.17
H22 PEG V . -11.21 3.36 -14.01
H31 PEG V . -11.67 4.45 -16.23
H32 PEG V . -11.33 5.92 -15.76
H41 PEG V . -10.52 4.76 -18.05
H42 PEG V . -9.22 5.04 -17.18
HO4 PEG V . -9.90 6.74 -18.49
#